data_8W0V
#
_entry.id   8W0V
#
_cell.length_a   67.019
_cell.length_b   88.840
_cell.length_c   175.400
_cell.angle_alpha   90.00
_cell.angle_beta   90.00
_cell.angle_gamma   90.00
#
_symmetry.space_group_name_H-M   'P 21 21 21'
#
loop_
_entity.id
_entity.type
_entity.pdbx_description
1 polymer 'Envelope glycoprotein E2'
2 polymer 'hcab55 Fab Heavy Chain'
3 polymer 'hcab55 Fab Light Chain'
4 branched alpha-D-mannopyranose-(1-6)-beta-D-mannopyranose-(1-4)-2-acetamido-2-deoxy-beta-D-glucopyranose-(1-4)-2-acetamido-2-deoxy-beta-D-glucopyranose
5 branched 2-acetamido-2-deoxy-beta-D-glucopyranose-(1-4)-2-acetamido-2-deoxy-beta-D-glucopyranose
6 branched alpha-D-mannopyranose-(1-3)-beta-D-mannopyranose-(1-4)-2-acetamido-2-deoxy-beta-D-glucopyranose-(1-4)-2-acetamido-2-deoxy-beta-D-glucopyranose
7 non-polymer 2-acetamido-2-deoxy-beta-D-glucopyranose
#
loop_
_entity_poly.entity_id
_entity_poly.type
_entity_poly.pdbx_seq_one_letter_code
_entity_poly.pdbx_strand_id
1 'polypeptide(L)'
;STHVTGGTASHTTRHFASLFSSGASQRVQLINTNGSWHINRTALNCNDSLHTGFLAALFYTHKFNASGCPERMAHCRPID
EFAQGWGPITYAEGHGSDQRPYCWHYAPRQCGTIPASQVCGPVYCFTPSPVVVGTTDRFGAPTYTWGENETDVLILNNTR
PPQGNWFGCTWMNSTGFTKTCGGPPCNIGGVGNNTLTCPTDCFRKHPEATYTKCGSGPWLTPRCLVDYPYRLWHYPCTVN
FTIFKVRMYVGGVEHRLNAACN
;
C
2 'polypeptide(L)'
;QVQLVQSGAEIKKPGASVKVSCKASGYTFISNYFHWVRQAPGQGLEWMGIINPSSGSTTYGQKFQGRVTLTSDTSASIVY
LELSRLRSEDTAVYYCVSPRIAHCRGGRCYETLDWGQGTLVTVSSASTKGPSVFPLAPSSKSTSGGTAALGCLVKDYFPE
PVTVSWNSGALTSGVHTFPAVLQSSGLYSLSSVVTVPSSSLGTQTYICNVNHKPSNTKVDKRVEPKSCDKTHHHHHH
;
H
3 'polypeptide(L)'
;EIVLTQSPVSLSLSPGERATLSCRASQSVSSNYLAWYQLKPGRAPRLLIYGASSRAPGIPDRFSGSGSGTDFTLTISRLE
PEDFAVYYCQQYGISSWTFGQGTKVEIKRTVAAPSVFIFPPSDEQLKSGTASVVCLLNNFYPREAKVQWKVDNALQSGNS
QESVTEQDSKDSTYSLSSTLTLSKADYEKHKVYACEVTHQGLSSPVTKSFNRGEC
;
L
#
loop_
_chem_comp.id
_chem_comp.type
_chem_comp.name
_chem_comp.formula
BMA D-saccharide, beta linking beta-D-mannopyranose 'C6 H12 O6'
MAN D-saccharide, alpha linking alpha-D-mannopyranose 'C6 H12 O6'
NAG D-saccharide, beta linking 2-acetamido-2-deoxy-beta-D-glucopyranose 'C8 H15 N O6'
#
# COMPACT_ATOMS: atom_id res chain seq x y z
N HIS A 38 -19.91 8.65 -31.29
CA HIS A 38 -20.62 9.48 -30.32
C HIS A 38 -20.18 9.23 -28.86
N ILE A 39 -19.82 7.98 -28.53
CA ILE A 39 -19.23 7.71 -27.22
C ILE A 39 -18.00 8.58 -26.98
N ASN A 40 -17.30 8.96 -28.07
CA ASN A 40 -16.12 9.83 -27.96
C ASN A 40 -16.43 11.23 -27.46
N ARG A 41 -17.69 11.62 -27.38
CA ARG A 41 -18.04 12.94 -26.92
C ARG A 41 -18.27 12.99 -25.41
N THR A 42 -18.08 11.86 -24.74
CA THR A 42 -18.12 11.81 -23.28
C THR A 42 -16.86 12.43 -22.70
N ALA A 43 -17.01 13.38 -21.80
CA ALA A 43 -15.81 13.87 -21.14
C ALA A 43 -15.42 12.83 -20.10
N LEU A 44 -14.21 12.27 -20.26
CA LEU A 44 -13.79 11.20 -19.36
C LEU A 44 -12.50 11.60 -18.66
N ASN A 45 -12.57 12.64 -17.85
CA ASN A 45 -11.44 13.11 -17.06
C ASN A 45 -11.72 12.70 -15.61
N CYS A 46 -11.47 11.43 -15.33
CA CYS A 46 -11.72 10.85 -14.03
C CYS A 46 -10.41 10.65 -13.28
N ASN A 47 -10.48 10.73 -11.95
CA ASN A 47 -9.32 10.54 -11.09
C ASN A 47 -9.85 10.28 -9.68
N ASP A 48 -9.81 9.00 -9.27
CA ASP A 48 -10.31 8.59 -7.96
C ASP A 48 -9.29 8.88 -6.85
N SER A 49 -8.85 10.14 -6.73
CA SER A 49 -7.82 10.51 -5.77
C SER A 49 -8.30 10.50 -4.32
N LEU A 50 -9.60 10.41 -4.03
CA LEU A 50 -10.08 10.20 -2.68
C LEU A 50 -10.29 8.73 -2.34
N HIS A 51 -9.88 7.82 -3.25
CA HIS A 51 -9.87 6.37 -2.98
C HIS A 51 -11.25 5.85 -2.55
N THR A 52 -12.24 6.07 -3.42
CA THR A 52 -13.59 5.59 -3.15
C THR A 52 -14.01 4.41 -4.01
N GLY A 53 -13.28 4.12 -5.09
CA GLY A 53 -13.71 3.09 -6.03
C GLY A 53 -14.87 3.48 -6.91
N PHE A 54 -15.17 4.78 -7.03
CA PHE A 54 -16.38 5.20 -7.71
C PHE A 54 -16.31 4.94 -9.21
N LEU A 55 -15.11 4.99 -9.79
CA LEU A 55 -14.93 4.67 -11.21
C LEU A 55 -15.35 3.26 -11.57
N ALA A 56 -15.47 2.35 -10.58
CA ALA A 56 -15.89 0.99 -10.89
C ALA A 56 -17.26 0.99 -11.51
N ALA A 57 -18.15 1.84 -11.01
CA ALA A 57 -19.54 1.84 -11.43
C ALA A 57 -19.72 2.41 -12.83
N LEU A 58 -18.68 2.97 -13.43
CA LEU A 58 -18.76 3.26 -14.86
C LEU A 58 -18.75 2.00 -15.70
N PHE A 59 -18.48 0.83 -15.10
CA PHE A 59 -18.28 -0.42 -15.83
C PHE A 59 -19.04 -1.57 -15.21
N TYR A 60 -18.86 -1.83 -13.91
CA TYR A 60 -19.51 -2.94 -13.26
C TYR A 60 -20.76 -2.45 -12.51
N THR A 61 -21.64 -3.40 -12.18
CA THR A 61 -22.97 -3.11 -11.68
C THR A 61 -23.20 -3.83 -10.35
N HIS A 62 -24.09 -3.26 -9.53
CA HIS A 62 -24.41 -3.78 -8.18
C HIS A 62 -23.18 -3.81 -7.28
N LYS A 63 -22.59 -2.63 -7.07
CA LYS A 63 -21.36 -2.52 -6.29
C LYS A 63 -21.42 -1.47 -5.18
N PHE A 64 -22.58 -0.84 -4.94
CA PHE A 64 -22.63 0.33 -4.10
C PHE A 64 -22.78 -0.06 -2.64
N ASN A 65 -21.92 0.51 -1.80
CA ASN A 65 -22.01 0.38 -0.35
C ASN A 65 -22.99 1.45 0.15
N ALA A 66 -24.11 1.02 0.71
CA ALA A 66 -25.16 1.93 1.16
C ALA A 66 -25.10 2.23 2.65
N SER A 67 -24.11 1.72 3.38
CA SER A 67 -24.09 1.90 4.84
C SER A 67 -24.13 3.37 5.25
N GLY A 68 -23.57 4.27 4.44
CA GLY A 68 -23.57 5.68 4.76
C GLY A 68 -24.80 6.45 4.32
N CYS A 69 -25.76 5.81 3.65
CA CYS A 69 -26.92 6.52 3.13
C CYS A 69 -27.83 7.06 4.24
N PRO A 70 -28.09 6.28 5.31
CA PRO A 70 -28.90 6.84 6.42
C PRO A 70 -28.42 8.17 6.95
N GLU A 71 -27.11 8.30 7.18
CA GLU A 71 -26.62 9.57 7.73
C GLU A 71 -26.69 10.70 6.74
N ARG A 72 -26.55 10.40 5.44
CA ARG A 72 -26.67 11.45 4.45
C ARG A 72 -28.12 11.78 4.15
N MET A 73 -28.97 10.77 3.96
CA MET A 73 -30.35 11.05 3.63
C MET A 73 -31.08 11.73 4.78
N ALA A 74 -30.55 11.66 5.98
CA ALA A 74 -31.19 12.34 7.11
C ALA A 74 -31.13 13.86 6.98
N HIS A 75 -30.30 14.37 6.07
CA HIS A 75 -30.17 15.80 5.84
C HIS A 75 -31.20 16.34 4.84
N CYS A 76 -32.04 15.48 4.28
CA CYS A 76 -33.09 15.90 3.36
C CYS A 76 -34.40 15.92 4.12
N ARG A 77 -34.96 17.08 4.25
CA ARG A 77 -36.23 17.29 4.94
C ARG A 77 -37.40 17.04 3.98
N PRO A 78 -38.43 16.30 4.40
CA PRO A 78 -39.60 16.12 3.56
C PRO A 78 -40.38 17.42 3.43
N ILE A 79 -41.11 17.55 2.30
CA ILE A 79 -41.73 18.84 1.92
C ILE A 79 -42.58 19.40 3.05
N ASP A 80 -43.16 18.54 3.89
CA ASP A 80 -44.06 19.00 4.94
C ASP A 80 -43.38 19.90 5.96
N GLU A 81 -42.06 19.80 6.09
CA GLU A 81 -41.34 20.63 7.06
C GLU A 81 -41.08 22.03 6.55
N PHE A 82 -41.26 22.29 5.27
CA PHE A 82 -41.02 23.62 4.73
C PHE A 82 -42.25 24.50 4.90
N ALA A 83 -42.04 25.82 4.73
CA ALA A 83 -43.08 26.79 4.99
C ALA A 83 -43.98 26.95 3.77
N GLN A 84 -45.28 26.93 4.02
CA GLN A 84 -46.26 27.25 3.00
C GLN A 84 -45.92 28.59 2.34
N GLY A 85 -45.95 28.62 1.01
CA GLY A 85 -45.72 29.84 0.27
C GLY A 85 -47.02 30.44 -0.28
N TRP A 86 -46.89 31.64 -0.87
CA TRP A 86 -48.00 32.35 -1.49
C TRP A 86 -47.42 33.53 -2.28
N GLY A 87 -48.32 34.35 -2.81
CA GLY A 87 -47.92 35.46 -3.64
C GLY A 87 -47.31 35.02 -4.96
N PRO A 88 -46.89 35.99 -5.77
CA PRO A 88 -46.32 35.64 -7.08
C PRO A 88 -44.98 34.95 -6.92
N ILE A 89 -44.71 34.01 -7.82
CA ILE A 89 -43.46 33.28 -7.82
C ILE A 89 -42.40 34.09 -8.53
N THR A 90 -41.20 34.10 -7.94
CA THR A 90 -40.02 34.69 -8.56
C THR A 90 -38.89 33.67 -8.55
N TYR A 91 -37.86 33.94 -9.35
CA TYR A 91 -36.76 33.00 -9.52
C TYR A 91 -35.58 33.42 -8.67
N ALA A 92 -35.05 32.49 -7.89
CA ALA A 92 -33.88 32.77 -7.05
C ALA A 92 -32.63 32.74 -7.90
N GLN A 99 -25.26 22.84 -0.34
CA GLN A 99 -25.03 21.67 -1.18
C GLN A 99 -25.92 20.50 -0.77
N ARG A 100 -25.47 19.26 -1.08
CA ARG A 100 -26.15 17.97 -0.98
C ARG A 100 -27.10 17.76 -2.16
N PRO A 101 -26.55 17.47 -3.34
CA PRO A 101 -27.40 17.31 -4.53
C PRO A 101 -28.22 16.05 -4.53
N TYR A 102 -28.14 15.23 -3.50
CA TYR A 102 -29.01 14.07 -3.41
C TYR A 102 -30.31 14.38 -2.71
N CYS A 103 -30.45 15.58 -2.16
CA CYS A 103 -31.73 16.01 -1.62
C CYS A 103 -32.54 16.60 -2.75
N TRP A 104 -33.83 16.27 -2.79
CA TRP A 104 -34.73 16.85 -3.77
C TRP A 104 -34.79 18.37 -3.65
N HIS A 105 -34.66 18.91 -2.44
CA HIS A 105 -34.83 20.34 -2.25
C HIS A 105 -33.55 21.13 -2.50
N TYR A 106 -32.52 20.46 -2.99
CA TYR A 106 -31.29 21.16 -3.38
C TYR A 106 -31.61 22.17 -4.48
N ALA A 107 -31.34 23.46 -4.19
CA ALA A 107 -31.68 24.55 -5.10
C ALA A 107 -30.47 24.89 -5.96
N PRO A 108 -30.43 24.46 -7.20
CA PRO A 108 -29.24 24.63 -8.03
C PRO A 108 -29.12 26.05 -8.56
N ARG A 109 -28.00 26.32 -9.21
CA ARG A 109 -27.83 27.50 -10.05
C ARG A 109 -28.21 27.14 -11.47
N GLN A 110 -28.58 28.17 -12.25
CA GLN A 110 -28.79 27.98 -13.66
C GLN A 110 -27.59 27.29 -14.29
N CYS A 111 -27.85 26.50 -15.32
CA CYS A 111 -26.77 25.83 -16.03
C CYS A 111 -25.99 26.81 -16.89
N GLY A 112 -24.66 26.72 -16.82
CA GLY A 112 -23.82 27.45 -17.74
C GLY A 112 -22.95 26.51 -18.56
N THR A 113 -21.78 26.99 -18.94
CA THR A 113 -20.81 26.21 -19.70
C THR A 113 -19.71 25.76 -18.76
N ILE A 114 -19.38 24.47 -18.78
CA ILE A 114 -18.37 23.95 -17.85
C ILE A 114 -17.20 23.32 -18.61
N PRO A 115 -15.99 23.47 -18.10
CA PRO A 115 -14.84 22.87 -18.79
C PRO A 115 -14.92 21.35 -18.72
N ALA A 116 -14.64 20.70 -19.86
CA ALA A 116 -14.64 19.25 -19.89
C ALA A 116 -13.67 18.64 -18.89
N SER A 117 -12.62 19.36 -18.50
CA SER A 117 -11.61 18.76 -17.63
C SER A 117 -12.20 18.35 -16.30
N GLN A 118 -13.26 19.01 -15.87
CA GLN A 118 -13.89 18.72 -14.60
C GLN A 118 -15.04 17.73 -14.71
N VAL A 119 -15.22 17.06 -15.84
CA VAL A 119 -16.36 16.18 -16.02
C VAL A 119 -15.87 14.75 -16.18
N CYS A 120 -16.53 13.81 -15.51
CA CYS A 120 -16.17 12.40 -15.57
C CYS A 120 -17.42 11.59 -15.89
N GLY A 121 -17.57 11.19 -17.14
CA GLY A 121 -18.72 10.42 -17.57
C GLY A 121 -19.79 11.27 -18.25
N PRO A 122 -20.88 10.63 -18.66
CA PRO A 122 -21.87 11.35 -19.45
C PRO A 122 -22.59 12.40 -18.63
N VAL A 123 -22.87 13.52 -19.27
CA VAL A 123 -23.75 14.54 -18.69
C VAL A 123 -25.19 14.26 -19.14
N TYR A 124 -26.10 14.24 -18.18
CA TYR A 124 -27.51 14.02 -18.44
C TYR A 124 -28.28 15.29 -18.11
N CYS A 125 -29.11 15.72 -19.05
CA CYS A 125 -30.06 16.80 -18.84
C CYS A 125 -31.48 16.24 -18.95
N PHE A 126 -32.45 16.98 -18.44
CA PHE A 126 -33.80 16.43 -18.29
C PHE A 126 -34.84 17.37 -18.88
N THR A 127 -35.62 16.87 -19.85
CA THR A 127 -36.55 17.70 -20.60
C THR A 127 -38.05 17.60 -20.28
N PRO A 128 -38.54 16.80 -19.29
CA PRO A 128 -37.89 16.03 -18.22
C PRO A 128 -37.31 14.71 -18.72
N SER A 129 -37.56 14.36 -19.98
CA SER A 129 -36.99 13.14 -20.54
C SER A 129 -35.47 13.23 -20.53
N PRO A 130 -34.77 12.13 -20.26
CA PRO A 130 -33.31 12.19 -20.11
C PRO A 130 -32.62 12.19 -21.47
N VAL A 131 -31.66 13.11 -21.63
CA VAL A 131 -30.90 13.25 -22.88
C VAL A 131 -29.45 13.48 -22.48
N VAL A 132 -28.54 13.10 -23.38
CA VAL A 132 -27.10 13.19 -23.11
C VAL A 132 -26.53 14.40 -23.84
N VAL A 133 -25.68 15.16 -23.16
CA VAL A 133 -25.00 16.29 -23.77
C VAL A 133 -23.51 15.97 -23.81
N GLY A 134 -22.93 16.08 -25.00
CA GLY A 134 -21.54 15.76 -25.21
C GLY A 134 -20.67 17.00 -25.35
N THR A 135 -19.37 16.74 -25.49
CA THR A 135 -18.38 17.79 -25.55
C THR A 135 -18.52 18.57 -26.84
N THR A 136 -18.21 19.86 -26.76
CA THR A 136 -18.06 20.73 -27.91
C THR A 136 -16.84 21.60 -27.67
N ASP A 137 -16.40 22.30 -28.70
CA ASP A 137 -15.50 23.39 -28.39
C ASP A 137 -16.32 24.56 -27.86
N ARG A 138 -15.65 25.68 -27.62
CA ARG A 138 -16.29 26.83 -27.00
C ARG A 138 -17.34 27.46 -27.92
N PHE A 139 -17.36 27.15 -29.21
CA PHE A 139 -18.32 27.74 -30.14
C PHE A 139 -19.49 26.80 -30.47
N GLY A 140 -19.57 25.64 -29.84
CA GLY A 140 -20.69 24.74 -30.04
C GLY A 140 -20.48 23.60 -31.01
N ALA A 141 -19.31 23.48 -31.62
CA ALA A 141 -19.11 22.38 -32.54
C ALA A 141 -18.82 21.10 -31.75
N PRO A 142 -19.55 20.01 -32.00
CA PRO A 142 -19.25 18.75 -31.32
C PRO A 142 -17.79 18.35 -31.48
N THR A 143 -17.17 17.92 -30.39
CA THR A 143 -15.81 17.39 -30.41
C THR A 143 -15.83 15.92 -30.01
N TYR A 144 -14.77 15.20 -30.41
CA TYR A 144 -14.76 13.74 -30.26
C TYR A 144 -13.48 13.22 -29.59
N THR A 145 -12.85 14.02 -28.72
CA THR A 145 -11.61 13.59 -28.09
C THR A 145 -11.79 13.33 -26.59
N TRP A 146 -12.92 12.73 -26.21
CA TRP A 146 -13.19 12.37 -24.81
C TRP A 146 -12.97 13.54 -23.85
N GLY A 147 -12.98 14.78 -24.32
CA GLY A 147 -12.82 15.92 -23.44
C GLY A 147 -11.39 16.18 -22.96
N GLU A 148 -10.39 15.60 -23.64
CA GLU A 148 -9.00 15.81 -23.26
C GLU A 148 -8.51 17.22 -23.54
N ASN A 149 -9.03 17.85 -24.58
CA ASN A 149 -8.55 19.17 -24.97
C ASN A 149 -8.98 20.22 -23.95
N GLU A 150 -8.09 21.16 -23.63
CA GLU A 150 -8.48 22.20 -22.69
C GLU A 150 -9.55 23.11 -23.24
N THR A 151 -9.67 23.23 -24.56
CA THR A 151 -10.75 24.02 -25.17
C THR A 151 -12.10 23.31 -25.13
N ASP A 152 -12.13 22.02 -24.80
CA ASP A 152 -13.38 21.26 -24.73
C ASP A 152 -14.24 21.72 -23.56
N VAL A 153 -15.54 21.84 -23.81
CA VAL A 153 -16.49 22.30 -22.82
C VAL A 153 -17.73 21.41 -22.94
N LEU A 154 -18.60 21.52 -21.93
CA LEU A 154 -19.95 20.98 -21.97
C LEU A 154 -20.88 22.17 -21.78
N ILE A 155 -21.59 22.54 -22.84
CA ILE A 155 -22.45 23.71 -22.81
C ILE A 155 -23.80 23.27 -22.27
N LEU A 156 -24.08 23.58 -21.01
CA LEU A 156 -25.31 23.13 -20.39
C LEU A 156 -26.37 24.22 -20.26
N ASN A 157 -26.04 25.48 -20.58
CA ASN A 157 -26.96 26.61 -20.62
C ASN A 157 -28.41 26.22 -20.87
N ASN A 158 -29.28 26.39 -19.89
CA ASN A 158 -30.64 25.90 -19.98
C ASN A 158 -31.68 27.02 -19.88
N THR A 159 -32.70 26.88 -20.71
CA THR A 159 -33.97 27.57 -20.56
C THR A 159 -35.05 26.51 -20.40
N ARG A 160 -35.93 26.70 -19.42
CA ARG A 160 -37.00 25.72 -19.20
C ARG A 160 -37.85 25.54 -20.45
N PRO A 161 -38.10 24.31 -20.88
CA PRO A 161 -39.13 24.07 -21.90
C PRO A 161 -40.46 24.59 -21.41
N PRO A 162 -41.42 24.86 -22.31
CA PRO A 162 -41.41 24.65 -23.76
C PRO A 162 -40.52 25.59 -24.58
N GLN A 163 -40.14 26.78 -24.14
CA GLN A 163 -39.33 27.63 -25.02
C GLN A 163 -37.86 27.34 -24.88
N GLY A 164 -37.49 26.31 -24.14
CA GLY A 164 -36.08 26.02 -23.92
C GLY A 164 -35.68 24.61 -24.28
N ASN A 165 -34.54 24.19 -23.73
CA ASN A 165 -33.94 22.88 -23.99
C ASN A 165 -34.25 21.87 -22.89
N TRP A 166 -33.87 22.13 -21.63
CA TRP A 166 -34.11 21.18 -20.56
C TRP A 166 -34.20 21.88 -19.21
N PHE A 167 -34.69 21.16 -18.20
CA PHE A 167 -34.94 21.77 -16.89
C PHE A 167 -33.68 21.80 -16.03
N GLY A 168 -32.75 20.88 -16.28
CA GLY A 168 -31.58 20.75 -15.43
C GLY A 168 -30.73 19.61 -15.93
N CYS A 169 -29.47 19.60 -15.44
CA CYS A 169 -28.49 18.60 -15.82
C CYS A 169 -27.82 18.00 -14.58
N THR A 170 -27.39 16.76 -14.70
CA THR A 170 -26.66 16.09 -13.64
C THR A 170 -25.46 15.39 -14.27
N TRP A 171 -24.38 15.31 -13.50
CA TRP A 171 -23.13 14.69 -13.96
C TRP A 171 -22.18 14.53 -12.78
N MET A 172 -21.06 13.84 -13.04
CA MET A 172 -20.08 13.53 -12.01
C MET A 172 -18.81 14.30 -12.29
N ASN A 173 -18.26 14.96 -11.26
CA ASN A 173 -16.99 15.66 -11.49
C ASN A 173 -15.84 14.69 -11.31
N SER A 174 -14.64 15.18 -11.61
CA SER A 174 -13.46 14.33 -11.80
C SER A 174 -13.17 13.43 -10.60
N THR A 175 -13.49 13.87 -9.37
CA THR A 175 -13.14 13.06 -8.21
C THR A 175 -14.36 12.42 -7.54
N GLY A 176 -15.46 12.26 -8.27
CA GLY A 176 -16.57 11.48 -7.76
C GLY A 176 -17.67 12.27 -7.06
N PHE A 177 -17.70 13.58 -7.17
CA PHE A 177 -18.81 14.34 -6.62
C PHE A 177 -19.90 14.59 -7.66
N THR A 178 -21.14 14.26 -7.29
CA THR A 178 -22.26 14.55 -8.17
C THR A 178 -22.50 16.05 -8.23
N LYS A 179 -22.60 16.58 -9.45
CA LYS A 179 -22.91 17.98 -9.69
C LYS A 179 -24.25 18.06 -10.40
N THR A 180 -24.97 19.15 -10.17
CA THR A 180 -26.22 19.35 -10.87
C THR A 180 -26.49 20.85 -11.00
N CYS A 181 -27.17 21.20 -12.07
CA CYS A 181 -27.52 22.57 -12.34
C CYS A 181 -28.89 22.57 -12.98
N GLY A 182 -29.55 23.72 -12.96
CA GLY A 182 -30.80 23.85 -13.68
C GLY A 182 -31.68 24.93 -13.09
N GLY A 183 -32.92 24.96 -13.56
CA GLY A 183 -33.85 25.96 -13.13
C GLY A 183 -33.73 27.22 -13.95
N PRO A 184 -33.59 28.39 -13.29
CA PRO A 184 -33.33 28.60 -11.85
C PRO A 184 -34.55 28.25 -11.00
N PRO A 185 -34.34 27.83 -9.75
CA PRO A 185 -35.45 27.36 -8.92
C PRO A 185 -36.35 28.52 -8.52
N CYS A 186 -37.47 28.20 -7.89
CA CYS A 186 -38.52 29.19 -7.62
C CYS A 186 -38.48 29.67 -6.18
N ASN A 187 -38.55 30.99 -6.02
CA ASN A 187 -38.88 31.60 -4.74
C ASN A 187 -40.41 31.67 -4.64
N ILE A 188 -40.98 30.89 -3.71
CA ILE A 188 -42.42 30.75 -3.59
C ILE A 188 -42.96 31.54 -2.40
N GLY A 189 -42.15 32.44 -1.82
CA GLY A 189 -42.54 33.22 -0.66
C GLY A 189 -42.65 32.36 0.60
N GLY A 190 -43.33 32.91 1.59
CA GLY A 190 -43.48 32.27 2.88
C GLY A 190 -42.63 32.95 3.95
N VAL A 191 -42.99 32.67 5.19
CA VAL A 191 -42.29 33.22 6.34
C VAL A 191 -41.49 32.10 7.01
N GLY A 192 -40.47 32.49 7.76
CA GLY A 192 -39.78 31.58 8.65
C GLY A 192 -38.42 31.15 8.13
N ASN A 193 -37.78 30.28 8.92
CA ASN A 193 -36.46 29.75 8.61
C ASN A 193 -36.54 28.46 7.80
N ASN A 194 -37.73 27.89 7.66
CA ASN A 194 -37.97 26.69 6.87
C ASN A 194 -38.60 27.03 5.53
N THR A 195 -38.25 28.18 4.98
CA THR A 195 -38.76 28.64 3.70
C THR A 195 -38.10 27.84 2.57
N LEU A 196 -38.88 27.49 1.55
CA LEU A 196 -38.48 26.56 0.50
C LEU A 196 -38.17 27.30 -0.81
N THR A 197 -36.97 27.12 -1.32
CA THR A 197 -36.67 27.50 -2.70
C THR A 197 -36.96 26.28 -3.56
N CYS A 198 -38.12 26.30 -4.22
CA CYS A 198 -38.65 25.10 -4.83
C CYS A 198 -37.90 24.76 -6.11
N PRO A 199 -37.34 23.55 -6.24
CA PRO A 199 -36.67 23.17 -7.50
C PRO A 199 -37.42 22.10 -8.27
N THR A 200 -38.63 21.79 -7.85
CA THR A 200 -39.35 20.66 -8.43
C THR A 200 -40.84 21.00 -8.38
N ASP A 201 -41.70 19.99 -8.44
CA ASP A 201 -43.13 20.18 -8.22
C ASP A 201 -43.40 20.24 -6.73
N CYS A 202 -43.69 21.42 -6.21
CA CYS A 202 -43.91 21.62 -4.78
C CYS A 202 -45.33 22.12 -4.50
N PHE A 203 -46.31 21.66 -5.28
CA PHE A 203 -47.60 22.35 -5.31
C PHE A 203 -48.30 22.35 -3.96
N ARG A 204 -47.98 21.40 -3.05
CA ARG A 204 -48.53 21.47 -1.70
C ARG A 204 -48.23 22.79 -1.02
N LYS A 205 -47.10 23.42 -1.35
CA LYS A 205 -46.66 24.64 -0.69
C LYS A 205 -46.93 25.88 -1.52
N HIS A 206 -47.21 25.71 -2.80
CA HIS A 206 -47.63 26.81 -3.64
C HIS A 206 -48.33 26.23 -4.86
N PRO A 207 -49.59 26.61 -5.11
CA PRO A 207 -50.35 25.95 -6.18
C PRO A 207 -49.74 26.11 -7.56
N GLU A 208 -48.90 27.10 -7.78
CA GLU A 208 -48.34 27.30 -9.09
C GLU A 208 -46.94 26.73 -9.21
N ALA A 209 -46.38 26.23 -8.11
CA ALA A 209 -45.04 25.65 -8.09
C ALA A 209 -45.12 24.23 -8.65
N THR A 210 -45.39 24.15 -9.94
CA THR A 210 -45.42 22.87 -10.64
C THR A 210 -44.06 22.58 -11.24
N TYR A 211 -43.89 21.35 -11.76
CA TYR A 211 -42.62 21.02 -12.40
C TYR A 211 -42.37 21.92 -13.61
N THR A 212 -43.40 22.22 -14.39
CA THR A 212 -43.18 23.14 -15.52
C THR A 212 -42.74 24.51 -15.04
N LYS A 213 -43.27 24.95 -13.89
CA LYS A 213 -42.88 26.24 -13.37
C LYS A 213 -41.50 26.20 -12.72
N CYS A 214 -41.21 25.15 -11.94
CA CYS A 214 -40.08 25.16 -11.03
C CYS A 214 -39.05 24.06 -11.26
N GLY A 215 -39.34 23.06 -12.09
CA GLY A 215 -38.42 21.94 -12.25
C GLY A 215 -37.01 22.40 -12.59
N SER A 216 -36.02 21.81 -11.92
CA SER A 216 -34.66 22.31 -12.08
C SER A 216 -33.67 21.19 -12.34
N GLY A 217 -34.15 20.03 -12.74
CA GLY A 217 -33.33 18.87 -12.89
C GLY A 217 -34.19 17.64 -12.92
N PRO A 218 -33.65 16.52 -12.42
CA PRO A 218 -34.34 15.24 -12.57
C PRO A 218 -35.38 14.94 -11.50
N TRP A 219 -35.50 15.75 -10.45
CA TRP A 219 -36.51 15.48 -9.42
C TRP A 219 -37.87 15.98 -9.93
N LEU A 220 -38.76 15.03 -10.24
CA LEU A 220 -40.10 15.34 -10.72
C LEU A 220 -41.02 15.80 -9.61
N THR A 221 -40.91 15.20 -8.43
CA THR A 221 -41.58 15.61 -7.20
C THR A 221 -40.56 15.47 -6.08
N PRO A 222 -40.90 15.81 -4.83
CA PRO A 222 -39.96 15.54 -3.73
C PRO A 222 -39.73 14.06 -3.44
N ARG A 223 -40.36 13.13 -4.18
CA ARG A 223 -40.21 11.71 -3.96
C ARG A 223 -39.81 10.95 -5.21
N CYS A 224 -39.75 11.62 -6.36
CA CYS A 224 -39.62 10.96 -7.64
C CYS A 224 -38.51 11.64 -8.42
N LEU A 225 -37.61 10.87 -9.02
CA LEU A 225 -36.67 11.48 -9.95
C LEU A 225 -36.59 10.63 -11.20
N VAL A 226 -36.22 11.29 -12.30
CA VAL A 226 -36.22 10.63 -13.60
C VAL A 226 -35.29 9.43 -13.54
N ASP A 227 -35.78 8.30 -14.00
CA ASP A 227 -34.87 7.17 -14.15
C ASP A 227 -34.04 7.35 -15.41
N TYR A 228 -32.79 6.93 -15.35
CA TYR A 228 -31.89 7.03 -16.49
C TYR A 228 -30.66 6.17 -16.20
N PRO A 229 -29.93 5.77 -17.24
CA PRO A 229 -28.93 4.70 -17.05
C PRO A 229 -27.84 4.99 -16.03
N TYR A 230 -27.64 6.24 -15.61
CA TYR A 230 -26.61 6.51 -14.61
C TYR A 230 -27.16 7.02 -13.28
N ARG A 231 -28.48 6.93 -13.05
CA ARG A 231 -29.01 7.38 -11.78
C ARG A 231 -28.33 6.69 -10.60
N LEU A 232 -28.05 5.39 -10.71
CA LEU A 232 -27.49 4.66 -9.58
C LEU A 232 -26.05 5.05 -9.29
N TRP A 233 -25.41 5.78 -10.21
CA TRP A 233 -24.09 6.36 -10.03
C TRP A 233 -24.20 7.76 -9.43
N HIS A 234 -24.95 8.65 -10.11
CA HIS A 234 -25.06 10.04 -9.67
C HIS A 234 -25.80 10.16 -8.35
N TYR A 235 -26.97 9.48 -8.24
CA TYR A 235 -27.76 9.41 -7.01
C TYR A 235 -27.76 7.99 -6.46
N PRO A 236 -26.63 7.51 -5.91
CA PRO A 236 -26.55 6.09 -5.53
C PRO A 236 -27.43 5.70 -4.35
N CYS A 237 -27.89 6.64 -3.56
CA CYS A 237 -28.73 6.28 -2.42
C CYS A 237 -30.18 6.00 -2.83
N THR A 238 -30.54 6.27 -4.08
CA THR A 238 -31.86 5.94 -4.59
C THR A 238 -31.95 4.50 -5.06
N VAL A 239 -30.96 3.68 -4.69
CA VAL A 239 -30.83 2.29 -5.15
C VAL A 239 -32.12 1.50 -4.94
N ASN A 240 -32.81 1.67 -3.81
CA ASN A 240 -34.02 0.88 -3.59
C ASN A 240 -35.32 1.61 -4.00
N PHE A 241 -35.24 2.76 -4.68
CA PHE A 241 -36.45 3.38 -5.19
C PHE A 241 -37.14 2.46 -6.18
N THR A 242 -38.48 2.57 -6.23
CA THR A 242 -39.32 1.77 -7.12
C THR A 242 -39.50 2.50 -8.46
N ILE A 243 -39.47 1.73 -9.55
CA ILE A 243 -39.56 2.29 -10.90
C ILE A 243 -41.01 2.26 -11.35
N PHE A 244 -41.56 3.43 -11.72
CA PHE A 244 -42.92 3.55 -12.19
C PHE A 244 -42.97 4.12 -13.60
N LYS A 245 -43.89 3.63 -14.42
CA LYS A 245 -44.18 4.27 -15.70
C LYS A 245 -45.00 5.52 -15.44
N VAL A 246 -44.55 6.67 -15.91
CA VAL A 246 -45.32 7.91 -15.73
C VAL A 246 -45.43 8.65 -17.05
N ARG A 247 -46.30 9.66 -17.05
CA ARG A 247 -46.50 10.54 -18.18
C ARG A 247 -46.45 11.97 -17.70
N MET A 248 -45.74 12.81 -18.45
CA MET A 248 -45.66 14.22 -18.12
C MET A 248 -45.90 15.07 -19.34
N TYR A 249 -46.58 16.19 -19.11
CA TYR A 249 -46.95 17.13 -20.16
C TYR A 249 -46.20 18.42 -19.94
N VAL A 250 -45.53 18.91 -20.98
CA VAL A 250 -44.81 20.17 -20.93
C VAL A 250 -45.29 20.97 -22.12
N GLY A 251 -46.01 22.06 -21.84
CA GLY A 251 -46.63 22.84 -22.89
C GLY A 251 -47.24 21.96 -23.96
N GLY A 252 -48.10 21.03 -23.54
CA GLY A 252 -48.77 20.15 -24.48
C GLY A 252 -47.94 19.04 -25.09
N VAL A 253 -46.65 18.93 -24.80
CA VAL A 253 -45.85 17.80 -25.29
C VAL A 253 -45.84 16.68 -24.26
N GLU A 254 -46.20 15.46 -24.70
CA GLU A 254 -46.25 14.30 -23.81
C GLU A 254 -44.87 13.67 -23.64
N HIS A 255 -44.46 13.45 -22.40
CA HIS A 255 -43.22 12.76 -22.08
C HIS A 255 -43.56 11.47 -21.38
N ARG A 256 -43.22 10.36 -21.99
CA ARG A 256 -43.37 9.03 -21.39
C ARG A 256 -42.03 8.62 -20.81
N LEU A 257 -42.02 8.36 -19.50
CA LEU A 257 -40.72 8.12 -18.89
C LEU A 257 -40.92 7.32 -17.61
N ASN A 258 -39.85 6.65 -17.20
CA ASN A 258 -39.82 5.92 -15.94
C ASN A 258 -39.32 6.86 -14.85
N ALA A 259 -40.02 6.88 -13.72
CA ALA A 259 -39.61 7.63 -12.54
C ALA A 259 -39.25 6.67 -11.42
N ALA A 260 -38.21 6.99 -10.65
CA ALA A 260 -37.85 6.20 -9.49
C ALA A 260 -38.32 6.94 -8.25
N CYS A 261 -39.14 6.29 -7.42
CA CYS A 261 -39.78 6.98 -6.31
C CYS A 261 -39.59 6.21 -5.01
N ASN A 262 -39.78 6.92 -3.91
CA ASN A 262 -39.59 6.36 -2.58
C ASN A 262 -40.81 6.61 -1.70
N GLN B 1 -12.39 5.72 2.42
CA GLN B 1 -11.00 5.76 2.00
C GLN B 1 -10.58 4.31 2.05
N VAL B 2 -10.19 3.77 0.90
CA VAL B 2 -10.00 2.33 0.78
C VAL B 2 -8.92 1.85 1.73
N GLN B 3 -9.19 0.78 2.42
CA GLN B 3 -8.26 0.20 3.38
C GLN B 3 -8.53 -1.28 3.43
N LEU B 4 -7.53 -2.11 3.09
CA LEU B 4 -7.60 -3.54 3.27
C LEU B 4 -6.87 -3.89 4.55
N VAL B 5 -7.60 -4.37 5.55
CA VAL B 5 -7.03 -4.67 6.86
C VAL B 5 -6.97 -6.19 7.06
N GLN B 6 -5.76 -6.72 7.23
CA GLN B 6 -5.53 -8.15 7.39
C GLN B 6 -5.35 -8.51 8.86
N SER B 7 -5.60 -9.79 9.17
CA SER B 7 -5.49 -10.30 10.53
C SER B 7 -4.04 -10.40 11.00
N GLY B 8 -3.87 -10.58 12.30
CA GLY B 8 -2.55 -10.48 12.90
C GLY B 8 -1.63 -11.68 12.64
N ALA B 9 -0.38 -11.52 13.03
CA ALA B 9 0.60 -12.57 12.80
C ALA B 9 0.21 -13.87 13.49
N GLU B 10 0.60 -14.99 12.87
CA GLU B 10 0.52 -16.24 13.59
C GLU B 10 1.71 -17.16 13.33
N ILE B 11 1.90 -18.04 14.29
CA ILE B 11 2.97 -19.03 14.33
C ILE B 11 2.32 -20.40 14.37
N LYS B 12 2.54 -21.20 13.33
CA LYS B 12 1.96 -22.52 13.22
C LYS B 12 3.07 -23.56 13.14
N LYS B 13 2.76 -24.78 13.59
CA LYS B 13 3.69 -25.90 13.49
C LYS B 13 3.54 -26.56 12.12
N PRO B 14 4.55 -27.29 11.65
CA PRO B 14 4.43 -27.95 10.36
C PRO B 14 3.23 -28.88 10.29
N GLY B 15 2.69 -29.04 9.09
CA GLY B 15 1.50 -29.85 8.88
C GLY B 15 0.20 -29.18 9.27
N ALA B 16 0.25 -28.05 9.96
CA ALA B 16 -0.95 -27.35 10.39
C ALA B 16 -1.53 -26.51 9.25
N SER B 17 -2.64 -25.86 9.56
CA SER B 17 -3.34 -24.95 8.66
C SER B 17 -3.38 -23.58 9.27
N VAL B 18 -3.44 -22.57 8.40
CA VAL B 18 -3.63 -21.20 8.80
C VAL B 18 -4.67 -20.60 7.87
N LYS B 19 -5.45 -19.65 8.40
CA LYS B 19 -6.52 -18.96 7.66
C LYS B 19 -6.36 -17.45 7.88
N VAL B 20 -5.77 -16.75 6.93
CA VAL B 20 -5.63 -15.31 7.04
C VAL B 20 -6.85 -14.63 6.41
N SER B 21 -7.32 -13.57 7.05
CA SER B 21 -8.48 -12.82 6.62
C SER B 21 -8.06 -11.42 6.20
N CYS B 22 -8.74 -10.90 5.19
CA CYS B 22 -8.51 -9.55 4.69
C CYS B 22 -9.86 -8.85 4.57
N LYS B 23 -10.01 -7.72 5.24
CA LYS B 23 -11.29 -7.07 5.41
C LYS B 23 -11.30 -5.73 4.67
N ALA B 24 -12.21 -5.57 3.71
CA ALA B 24 -12.30 -4.32 2.95
C ALA B 24 -13.04 -3.26 3.74
N SER B 25 -12.51 -2.04 3.68
CA SER B 25 -13.04 -0.95 4.48
C SER B 25 -12.90 0.34 3.67
N GLY B 26 -13.88 1.23 3.81
CA GLY B 26 -13.72 2.54 3.20
C GLY B 26 -14.10 2.67 1.74
N TYR B 27 -14.66 1.65 1.11
CA TYR B 27 -15.10 1.73 -0.26
C TYR B 27 -16.47 2.43 -0.36
N THR B 28 -16.65 3.27 -1.38
CA THR B 28 -18.01 3.67 -1.77
C THR B 28 -18.62 2.71 -2.80
N PHE B 29 -17.87 2.32 -3.82
CA PHE B 29 -18.24 1.20 -4.68
C PHE B 29 -17.15 0.14 -4.55
N ILE B 30 -17.55 -1.09 -4.19
CA ILE B 30 -16.58 -2.12 -3.82
C ILE B 30 -15.87 -2.65 -5.07
N SER B 31 -14.69 -3.23 -4.84
CA SER B 31 -13.91 -3.79 -5.93
C SER B 31 -14.47 -5.15 -6.30
N ASN B 32 -13.92 -5.76 -7.35
CA ASN B 32 -14.41 -7.04 -7.85
C ASN B 32 -13.49 -8.21 -7.58
N TYR B 33 -12.20 -7.99 -7.47
CA TYR B 33 -11.26 -9.09 -7.39
C TYR B 33 -10.31 -8.86 -6.22
N PHE B 34 -9.96 -9.95 -5.55
CA PHE B 34 -8.97 -9.91 -4.48
C PHE B 34 -7.91 -10.94 -4.78
N HIS B 35 -6.65 -10.50 -4.84
CA HIS B 35 -5.50 -11.37 -5.01
C HIS B 35 -4.74 -11.52 -3.69
N TRP B 36 -4.00 -12.62 -3.58
CA TRP B 36 -3.06 -12.80 -2.48
C TRP B 36 -1.69 -13.00 -3.07
N VAL B 37 -0.71 -12.23 -2.61
CA VAL B 37 0.66 -12.45 -2.98
C VAL B 37 1.49 -12.64 -1.72
N ARG B 38 2.52 -13.45 -1.87
CA ARG B 38 3.36 -13.89 -0.77
C ARG B 38 4.77 -13.33 -0.94
N GLN B 39 5.40 -13.02 0.18
CA GLN B 39 6.80 -12.64 0.13
C GLN B 39 7.58 -13.40 1.19
N ALA B 40 8.34 -14.40 0.74
CA ALA B 40 9.16 -15.19 1.63
C ALA B 40 10.40 -14.40 2.03
N PRO B 41 10.89 -14.59 3.26
CA PRO B 41 12.13 -13.92 3.68
C PRO B 41 13.27 -14.18 2.70
N GLY B 42 13.97 -13.10 2.36
CA GLY B 42 15.03 -13.16 1.36
C GLY B 42 14.61 -13.27 -0.08
N GLN B 43 13.64 -14.12 -0.38
CA GLN B 43 13.18 -14.33 -1.75
C GLN B 43 12.28 -13.17 -2.22
N GLY B 44 11.63 -13.36 -3.37
CA GLY B 44 10.91 -12.30 -4.04
C GLY B 44 9.44 -12.23 -3.69
N LEU B 45 8.64 -11.72 -4.63
CA LEU B 45 7.20 -11.62 -4.48
C LEU B 45 6.54 -12.63 -5.39
N GLU B 46 5.56 -13.36 -4.86
CA GLU B 46 4.94 -14.47 -5.57
C GLU B 46 3.42 -14.37 -5.51
N TRP B 47 2.77 -14.42 -6.68
CA TRP B 47 1.32 -14.47 -6.77
C TRP B 47 0.80 -15.83 -6.32
N MET B 48 -0.35 -15.83 -5.66
CA MET B 48 -0.91 -17.08 -5.18
C MET B 48 -2.27 -17.41 -5.78
N GLY B 49 -3.15 -16.44 -5.94
CA GLY B 49 -4.50 -16.74 -6.36
C GLY B 49 -5.37 -15.50 -6.38
N ILE B 50 -6.47 -15.61 -7.13
CA ILE B 50 -7.47 -14.57 -7.31
C ILE B 50 -8.84 -15.14 -6.94
N ILE B 51 -9.68 -14.33 -6.30
CA ILE B 51 -11.06 -14.68 -6.04
C ILE B 51 -11.98 -13.53 -6.47
N ASN B 52 -13.12 -13.88 -7.07
CA ASN B 52 -14.17 -12.93 -7.42
C ASN B 52 -15.30 -13.16 -6.43
N PRO B 53 -15.41 -12.34 -5.37
CA PRO B 53 -16.42 -12.64 -4.33
C PRO B 53 -17.84 -12.81 -4.86
N SER B 54 -18.24 -12.05 -5.88
CA SER B 54 -19.58 -12.17 -6.44
C SER B 54 -19.84 -13.57 -6.97
N SER B 55 -19.00 -14.03 -7.89
CA SER B 55 -19.17 -15.36 -8.47
C SER B 55 -18.65 -16.45 -7.55
N GLY B 56 -17.66 -16.15 -6.72
CA GLY B 56 -16.98 -17.20 -5.99
C GLY B 56 -15.87 -17.89 -6.77
N SER B 57 -15.66 -17.51 -8.03
CA SER B 57 -14.63 -18.15 -8.84
C SER B 57 -13.25 -17.86 -8.28
N THR B 58 -12.44 -18.90 -8.14
CA THR B 58 -11.07 -18.79 -7.69
C THR B 58 -10.17 -19.40 -8.75
N THR B 59 -8.97 -18.83 -8.91
CA THR B 59 -7.94 -19.40 -9.77
C THR B 59 -6.61 -19.31 -9.05
N TYR B 60 -6.02 -20.46 -8.74
CA TYR B 60 -4.80 -20.53 -7.94
C TYR B 60 -3.60 -20.74 -8.84
N GLY B 61 -2.48 -20.15 -8.46
CA GLY B 61 -1.23 -20.46 -9.12
C GLY B 61 -0.82 -21.90 -8.84
N GLN B 62 -0.12 -22.49 -9.80
CA GLN B 62 0.57 -23.73 -9.49
C GLN B 62 1.62 -23.44 -8.43
N LYS B 63 2.15 -24.50 -7.83
CA LYS B 63 2.98 -24.43 -6.62
C LYS B 63 2.07 -24.32 -5.40
N PHE B 64 0.89 -23.72 -5.58
CA PHE B 64 -0.09 -23.65 -4.52
C PHE B 64 -1.38 -24.40 -4.81
N GLN B 65 -1.61 -24.84 -6.04
CA GLN B 65 -2.76 -25.68 -6.33
C GLN B 65 -2.76 -26.94 -5.47
N GLY B 66 -3.83 -27.17 -4.72
CA GLY B 66 -3.92 -28.31 -3.84
C GLY B 66 -3.66 -28.02 -2.37
N ARG B 67 -3.03 -26.89 -2.03
CA ARG B 67 -2.82 -26.51 -0.64
C ARG B 67 -3.42 -25.18 -0.26
N VAL B 68 -3.89 -24.38 -1.21
CA VAL B 68 -4.47 -23.08 -0.92
C VAL B 68 -5.98 -23.11 -1.21
N THR B 69 -6.71 -22.28 -0.47
CA THR B 69 -8.15 -22.13 -0.65
C THR B 69 -8.51 -20.67 -0.42
N LEU B 70 -9.05 -20.02 -1.45
CA LEU B 70 -9.55 -18.65 -1.31
C LEU B 70 -11.05 -18.69 -1.13
N THR B 71 -11.52 -18.02 -0.08
CA THR B 71 -12.92 -18.05 0.24
C THR B 71 -13.36 -16.62 0.51
N SER B 72 -14.68 -16.41 0.51
CA SER B 72 -15.23 -15.07 0.62
C SER B 72 -16.38 -15.05 1.62
N ASP B 73 -16.73 -13.83 2.03
CA ASP B 73 -17.81 -13.53 2.95
C ASP B 73 -18.39 -12.19 2.51
N THR B 74 -19.10 -12.22 1.38
CA THR B 74 -19.52 -11.00 0.70
C THR B 74 -20.34 -10.08 1.59
N SER B 75 -21.18 -10.64 2.47
CA SER B 75 -21.89 -9.81 3.44
C SER B 75 -20.93 -9.08 4.37
N ALA B 76 -19.87 -9.77 4.82
CA ALA B 76 -18.90 -9.17 5.73
C ALA B 76 -17.85 -8.32 5.01
N SER B 77 -17.74 -8.44 3.69
CA SER B 77 -16.67 -7.80 2.91
C SER B 77 -15.30 -8.27 3.40
N ILE B 78 -15.19 -9.58 3.69
CA ILE B 78 -13.97 -10.22 4.15
C ILE B 78 -13.60 -11.33 3.18
N VAL B 79 -12.33 -11.41 2.79
CA VAL B 79 -11.81 -12.53 2.02
C VAL B 79 -10.78 -13.31 2.86
N TYR B 80 -10.76 -14.63 2.68
CA TYR B 80 -9.90 -15.50 3.48
C TYR B 80 -8.95 -16.30 2.60
N LEU B 81 -7.70 -16.41 3.05
CA LEU B 81 -6.71 -17.32 2.47
C LEU B 81 -6.41 -18.42 3.47
N GLU B 82 -6.59 -19.67 3.04
CA GLU B 82 -6.29 -20.83 3.87
C GLU B 82 -5.19 -21.63 3.18
N LEU B 83 -4.06 -21.78 3.88
CA LEU B 83 -2.97 -22.64 3.43
C LEU B 83 -2.87 -23.81 4.40
N SER B 84 -2.81 -25.02 3.85
CA SER B 84 -2.78 -26.26 4.63
C SER B 84 -1.48 -27.01 4.39
N ARG B 85 -1.27 -28.05 5.19
CA ARG B 85 -0.06 -28.86 5.13
C ARG B 85 1.18 -27.97 5.13
N LEU B 86 1.26 -27.14 6.16
CA LEU B 86 2.23 -26.05 6.20
C LEU B 86 3.65 -26.61 6.31
N ARG B 87 4.52 -26.18 5.39
CA ARG B 87 5.95 -26.44 5.41
C ARG B 87 6.69 -25.25 6.00
N SER B 88 7.94 -25.50 6.39
CA SER B 88 8.76 -24.44 6.98
C SER B 88 9.06 -23.32 5.98
N GLU B 89 9.17 -23.66 4.69
CA GLU B 89 9.41 -22.63 3.68
C GLU B 89 8.17 -21.81 3.35
N ASP B 90 7.03 -22.05 4.01
CA ASP B 90 5.86 -21.20 3.90
C ASP B 90 5.92 -20.01 4.86
N THR B 91 7.00 -19.85 5.60
CA THR B 91 7.16 -18.67 6.44
C THR B 91 7.32 -17.45 5.55
N ALA B 92 6.46 -16.46 5.71
CA ALA B 92 6.41 -15.34 4.77
C ALA B 92 5.38 -14.33 5.24
N VAL B 93 5.42 -13.17 4.59
CA VAL B 93 4.37 -12.17 4.72
C VAL B 93 3.37 -12.37 3.59
N TYR B 94 2.12 -12.57 3.95
CA TYR B 94 1.04 -12.80 2.99
C TYR B 94 0.27 -11.50 2.84
N TYR B 95 0.11 -11.03 1.60
CA TYR B 95 -0.54 -9.76 1.31
C TYR B 95 -1.79 -10.03 0.51
N CYS B 96 -2.91 -9.40 0.91
CA CYS B 96 -4.08 -9.35 0.05
C CYS B 96 -4.01 -8.03 -0.71
N VAL B 97 -4.39 -8.09 -1.99
CA VAL B 97 -4.22 -6.98 -2.92
C VAL B 97 -5.49 -6.90 -3.76
N SER B 98 -5.96 -5.67 -4.01
CA SER B 98 -7.18 -5.51 -4.81
C SER B 98 -7.06 -4.38 -5.82
N PRO B 99 -7.21 -4.67 -7.10
CA PRO B 99 -7.18 -3.60 -8.11
C PRO B 99 -8.41 -2.71 -8.05
N ARG B 100 -8.23 -1.47 -8.47
CA ARG B 100 -9.25 -0.44 -8.51
C ARG B 100 -8.90 0.55 -9.63
N ILE B 101 -9.93 1.05 -10.35
CA ILE B 101 -9.64 2.01 -11.41
C ILE B 101 -9.21 3.33 -10.79
N ALA B 102 -8.03 3.80 -11.16
CA ALA B 102 -7.48 5.00 -10.56
C ALA B 102 -7.84 6.27 -11.32
N HIS B 103 -7.79 6.22 -12.65
CA HIS B 103 -7.96 7.41 -13.46
C HIS B 103 -8.32 6.96 -14.85
N CYS B 104 -8.93 7.87 -15.61
CA CYS B 104 -9.34 7.62 -16.96
C CYS B 104 -8.76 8.75 -17.81
N ARG B 105 -8.43 8.50 -19.07
CA ARG B 105 -8.15 9.61 -19.98
C ARG B 105 -8.32 9.12 -21.41
N GLY B 106 -8.72 10.04 -22.28
CA GLY B 106 -8.80 9.73 -23.71
C GLY B 106 -9.52 8.43 -24.01
N GLY B 107 -10.54 8.12 -23.22
CA GLY B 107 -11.38 6.97 -23.52
C GLY B 107 -10.96 5.63 -22.94
N ARG B 108 -9.80 5.54 -22.29
CA ARG B 108 -9.48 4.32 -21.57
C ARG B 108 -9.06 4.62 -20.13
N CYS B 109 -9.31 3.64 -19.27
CA CYS B 109 -9.03 3.75 -17.85
C CYS B 109 -7.88 2.82 -17.46
N TYR B 110 -7.23 3.19 -16.35
CA TYR B 110 -6.06 2.47 -15.86
C TYR B 110 -6.27 2.07 -14.41
N GLU B 111 -6.12 0.79 -14.13
CA GLU B 111 -6.22 0.24 -12.78
C GLU B 111 -4.94 0.51 -11.99
N THR B 112 -5.10 0.65 -10.67
CA THR B 112 -4.00 0.64 -9.71
C THR B 112 -4.22 -0.49 -8.73
N LEU B 113 -3.32 -0.63 -7.75
CA LEU B 113 -3.39 -1.75 -6.82
C LEU B 113 -3.38 -1.25 -5.38
N ASP B 114 -4.41 -1.64 -4.61
CA ASP B 114 -4.49 -1.39 -3.18
C ASP B 114 -3.98 -2.61 -2.40
N TRP B 115 -3.25 -2.39 -1.33
CA TRP B 115 -2.55 -3.48 -0.62
C TRP B 115 -2.95 -3.51 0.85
N GLY B 116 -3.21 -4.70 1.37
CA GLY B 116 -3.29 -4.87 2.79
C GLY B 116 -1.93 -4.66 3.44
N GLN B 117 -1.93 -4.58 4.77
CA GLN B 117 -0.69 -4.28 5.47
C GLN B 117 0.21 -5.50 5.63
N GLY B 118 -0.26 -6.69 5.24
CA GLY B 118 0.52 -7.90 5.35
C GLY B 118 0.23 -8.69 6.61
N THR B 119 0.17 -10.02 6.47
CA THR B 119 0.12 -10.95 7.60
C THR B 119 1.34 -11.85 7.55
N LEU B 120 2.16 -11.81 8.59
CA LEU B 120 3.30 -12.72 8.71
C LEU B 120 2.85 -14.07 9.25
N VAL B 121 3.29 -15.15 8.61
CA VAL B 121 3.06 -16.50 9.10
C VAL B 121 4.43 -17.17 9.27
N THR B 122 4.74 -17.57 10.49
CA THR B 122 5.97 -18.29 10.78
C THR B 122 5.65 -19.76 11.03
N VAL B 123 6.34 -20.64 10.34
CA VAL B 123 6.12 -22.08 10.49
C VAL B 123 7.36 -22.69 11.13
N SER B 124 7.23 -23.12 12.37
CA SER B 124 8.36 -23.68 13.08
C SER B 124 7.85 -24.77 14.00
N SER B 125 8.69 -25.78 14.19
CA SER B 125 8.40 -26.80 15.17
C SER B 125 8.78 -26.36 16.58
N ALA B 126 9.18 -25.12 16.76
CA ALA B 126 9.75 -24.67 18.02
C ALA B 126 8.67 -24.12 18.96
N SER B 127 9.08 -23.94 20.22
CA SER B 127 8.21 -23.49 21.30
C SER B 127 8.78 -22.23 21.91
N THR B 128 7.89 -21.35 22.40
CA THR B 128 8.33 -20.09 22.98
C THR B 128 9.45 -20.32 23.98
N LYS B 129 10.57 -19.62 23.78
CA LYS B 129 11.74 -19.69 24.63
C LYS B 129 12.41 -18.33 24.66
N GLY B 130 12.63 -17.80 25.86
CA GLY B 130 13.40 -16.59 26.03
C GLY B 130 14.88 -16.84 25.88
N PRO B 131 15.64 -15.77 25.69
CA PRO B 131 17.06 -15.89 25.40
C PRO B 131 17.97 -15.94 26.62
N SER B 132 19.14 -16.55 26.45
CA SER B 132 20.27 -16.35 27.33
C SER B 132 21.15 -15.24 26.77
N VAL B 133 21.59 -14.33 27.61
CA VAL B 133 22.34 -13.17 27.17
C VAL B 133 23.73 -13.25 27.77
N PHE B 134 24.73 -13.41 26.94
CA PHE B 134 26.11 -13.49 27.40
C PHE B 134 26.86 -12.25 26.96
N PRO B 135 27.89 -11.82 27.67
CA PRO B 135 28.61 -10.62 27.22
C PRO B 135 29.62 -10.97 26.16
N LEU B 136 29.95 -9.97 25.36
CA LEU B 136 31.10 -9.97 24.47
C LEU B 136 32.01 -8.93 25.08
N ALA B 137 32.93 -9.39 25.94
CA ALA B 137 33.69 -8.47 26.76
C ALA B 137 34.74 -7.75 25.93
N PRO B 138 34.97 -6.46 26.20
CA PRO B 138 36.05 -5.74 25.50
C PRO B 138 37.42 -6.37 25.75
N SER B 139 38.26 -6.29 24.72
CA SER B 139 39.59 -6.90 24.69
C SER B 139 40.53 -6.39 25.79
N THR B 143 43.76 -1.53 24.22
CA THR B 143 44.22 -0.28 23.62
C THR B 143 44.49 0.74 24.74
N SER B 144 44.29 2.04 24.45
CA SER B 144 44.48 3.09 25.45
C SER B 144 43.88 4.41 24.97
N GLY B 145 44.25 4.82 23.77
CA GLY B 145 43.66 5.98 23.12
C GLY B 145 43.06 5.60 21.78
N GLY B 146 42.47 4.40 21.74
CA GLY B 146 41.79 3.90 20.56
C GLY B 146 40.34 3.55 20.84
N THR B 147 39.76 2.77 19.94
CA THR B 147 38.35 2.40 19.98
C THR B 147 38.22 0.95 20.41
N ALA B 148 37.35 0.67 21.36
CA ALA B 148 37.04 -0.67 21.76
C ALA B 148 35.62 -1.06 21.31
N ALA B 149 35.43 -2.35 21.08
CA ALA B 149 34.11 -2.94 20.85
C ALA B 149 33.69 -3.77 22.05
N LEU B 150 32.43 -3.66 22.43
CA LEU B 150 31.82 -4.58 23.36
C LEU B 150 30.42 -4.88 22.86
N GLY B 151 29.73 -5.78 23.53
CA GLY B 151 28.48 -6.24 22.97
C GLY B 151 27.80 -7.27 23.84
N CYS B 152 26.75 -7.84 23.26
CA CYS B 152 25.85 -8.77 23.92
C CYS B 152 25.45 -9.82 22.91
N LEU B 153 25.54 -11.07 23.34
CA LEU B 153 25.11 -12.21 22.54
C LEU B 153 23.77 -12.66 23.09
N VAL B 154 22.72 -12.51 22.30
CA VAL B 154 21.36 -12.90 22.68
C VAL B 154 21.08 -14.23 21.98
N LYS B 155 21.26 -15.33 22.70
CA LYS B 155 21.28 -16.65 22.08
C LYS B 155 20.06 -17.47 22.46
N ASP B 156 19.55 -18.22 21.48
CA ASP B 156 18.66 -19.35 21.71
C ASP B 156 17.25 -18.97 22.15
N TYR B 157 16.54 -18.18 21.36
CA TYR B 157 15.18 -17.78 21.71
C TYR B 157 14.25 -18.05 20.54
N PHE B 158 12.95 -17.96 20.81
CA PHE B 158 11.91 -18.14 19.81
C PHE B 158 10.62 -17.60 20.37
N PRO B 159 9.79 -16.93 19.58
CA PRO B 159 9.96 -16.54 18.18
C PRO B 159 10.64 -15.20 18.06
N GLU B 160 10.95 -14.74 16.87
CA GLU B 160 11.37 -13.34 16.68
C GLU B 160 10.19 -12.48 17.15
N PRO B 161 10.39 -11.23 17.63
CA PRO B 161 11.62 -10.47 17.75
C PRO B 161 12.12 -10.30 19.18
N VAL B 162 13.38 -9.88 19.33
CA VAL B 162 13.90 -9.32 20.56
C VAL B 162 14.28 -7.87 20.26
N THR B 163 14.30 -7.05 21.29
CA THR B 163 14.82 -5.70 21.17
C THR B 163 16.01 -5.52 22.11
N VAL B 164 17.00 -4.80 21.62
CA VAL B 164 18.22 -4.54 22.35
C VAL B 164 18.44 -3.04 22.37
N SER B 165 18.75 -2.50 23.54
CA SER B 165 19.19 -1.14 23.66
C SER B 165 20.32 -1.11 24.66
N TRP B 166 21.00 0.02 24.73
CA TRP B 166 22.22 0.17 25.51
C TRP B 166 22.06 1.32 26.50
N ASN B 167 22.39 1.05 27.76
CA ASN B 167 22.24 2.04 28.83
C ASN B 167 20.87 2.72 28.76
N SER B 168 19.81 1.89 28.72
CA SER B 168 18.43 2.36 28.75
C SER B 168 18.14 3.40 27.65
N GLY B 169 18.77 3.24 26.50
CA GLY B 169 18.55 4.16 25.41
C GLY B 169 19.50 5.34 25.35
N ALA B 170 20.33 5.55 26.39
CA ALA B 170 21.26 6.68 26.35
C ALA B 170 22.44 6.46 25.43
N LEU B 171 22.62 5.25 24.90
CA LEU B 171 23.72 4.95 24.00
C LEU B 171 23.12 4.37 22.73
N THR B 172 23.13 5.17 21.67
CA THR B 172 22.51 4.75 20.42
C THR B 172 23.51 4.87 19.29
N SER B 173 24.44 5.82 19.38
CA SER B 173 25.42 5.98 18.32
C SER B 173 26.44 4.85 18.39
N GLY B 174 26.91 4.40 17.21
CA GLY B 174 27.85 3.32 17.16
C GLY B 174 27.29 1.95 17.49
N VAL B 175 25.99 1.84 17.78
CA VAL B 175 25.39 0.54 18.08
C VAL B 175 25.08 -0.19 16.78
N HIS B 176 25.31 -1.50 16.75
CA HIS B 176 24.84 -2.35 15.65
C HIS B 176 24.16 -3.55 16.27
N THR B 177 22.89 -3.71 16.00
CA THR B 177 22.16 -4.90 16.36
C THR B 177 21.89 -5.67 15.08
N PHE B 178 22.52 -6.84 14.96
CA PHE B 178 22.51 -7.59 13.73
C PHE B 178 21.20 -8.35 13.54
N PRO B 179 20.85 -8.62 12.29
CA PRO B 179 19.68 -9.46 12.05
C PRO B 179 19.87 -10.81 12.69
N ALA B 180 18.81 -11.33 13.28
CA ALA B 180 18.92 -12.63 13.92
C ALA B 180 19.24 -13.70 12.90
N VAL B 181 19.91 -14.76 13.34
CA VAL B 181 20.13 -15.92 12.49
C VAL B 181 19.34 -17.08 13.09
N LEU B 182 18.82 -17.93 12.22
CA LEU B 182 18.07 -19.11 12.64
C LEU B 182 19.05 -20.26 12.70
N GLN B 183 19.19 -20.86 13.89
CA GLN B 183 20.09 -21.99 14.06
C GLN B 183 19.35 -23.31 13.78
N SER B 184 20.12 -24.36 13.45
CA SER B 184 19.52 -25.64 13.07
C SER B 184 18.61 -26.18 14.16
N SER B 185 18.81 -25.77 15.40
CA SER B 185 17.89 -26.16 16.47
C SER B 185 16.50 -25.55 16.32
N GLY B 186 16.30 -24.63 15.37
CA GLY B 186 15.07 -23.89 15.27
C GLY B 186 14.98 -22.66 16.15
N LEU B 187 16.01 -22.39 16.96
CA LEU B 187 16.06 -21.19 17.80
C LEU B 187 16.88 -20.08 17.12
N TYR B 188 16.60 -18.84 17.52
CA TYR B 188 17.24 -17.68 16.93
C TYR B 188 18.41 -17.22 17.77
N SER B 189 19.32 -16.50 17.12
CA SER B 189 20.50 -15.96 17.76
C SER B 189 20.85 -14.62 17.14
N LEU B 190 21.34 -13.71 17.97
CA LEU B 190 21.59 -12.35 17.55
C LEU B 190 22.69 -11.78 18.43
N SER B 191 23.44 -10.83 17.89
CA SER B 191 24.44 -10.09 18.65
C SER B 191 24.22 -8.61 18.45
N SER B 192 24.56 -7.84 19.48
CA SER B 192 24.47 -6.39 19.37
C SER B 192 25.76 -5.82 19.92
N VAL B 193 26.37 -4.91 19.18
CA VAL B 193 27.70 -4.45 19.53
C VAL B 193 27.70 -2.94 19.50
N VAL B 194 28.68 -2.38 20.17
CA VAL B 194 28.88 -0.94 20.18
C VAL B 194 30.36 -0.68 20.26
N THR B 195 30.82 0.38 19.59
CA THR B 195 32.18 0.83 19.75
C THR B 195 32.19 2.05 20.67
N VAL B 196 33.26 2.19 21.43
CA VAL B 196 33.36 3.18 22.50
C VAL B 196 34.84 3.53 22.68
N PRO B 197 35.14 4.66 23.32
CA PRO B 197 36.55 4.97 23.57
C PRO B 197 37.16 3.98 24.54
N SER B 198 38.31 3.42 24.15
CA SER B 198 39.07 2.52 25.02
C SER B 198 39.22 3.10 26.41
N SER B 199 39.49 4.40 26.51
CA SER B 199 39.72 5.03 27.79
C SER B 199 38.47 5.10 28.67
N SER B 200 37.30 4.73 28.14
CA SER B 200 36.11 4.60 28.97
C SER B 200 36.00 3.25 29.67
N LEU B 201 36.73 2.22 29.23
CA LEU B 201 36.58 0.89 29.81
C LEU B 201 37.00 0.91 31.28
N GLY B 202 36.24 0.22 32.12
CA GLY B 202 36.39 0.33 33.56
C GLY B 202 35.96 1.66 34.13
N THR B 203 35.28 2.48 33.34
CA THR B 203 34.87 3.80 33.78
C THR B 203 33.40 4.00 33.41
N GLN B 204 33.08 4.03 32.12
CA GLN B 204 31.69 4.02 31.69
C GLN B 204 31.07 2.66 32.00
N THR B 205 29.88 2.66 32.60
CA THR B 205 29.15 1.41 32.76
C THR B 205 28.33 1.12 31.51
N TYR B 206 28.54 -0.05 30.92
CA TYR B 206 27.82 -0.48 29.73
C TYR B 206 26.89 -1.60 30.09
N ILE B 207 25.59 -1.35 29.93
CA ILE B 207 24.55 -2.34 30.16
C ILE B 207 23.80 -2.53 28.86
N CYS B 208 23.55 -3.77 28.45
CA CYS B 208 22.64 -3.98 27.33
C CYS B 208 21.28 -4.45 27.84
N ASN B 209 20.22 -3.81 27.35
CA ASN B 209 18.86 -4.08 27.80
C ASN B 209 18.20 -4.93 26.73
N VAL B 210 17.93 -6.18 27.07
CA VAL B 210 17.30 -7.11 26.15
C VAL B 210 15.88 -7.34 26.63
N ASN B 211 14.96 -7.35 25.69
CA ASN B 211 13.56 -7.60 25.98
C ASN B 211 13.07 -8.60 24.95
N HIS B 212 12.33 -9.62 25.39
CA HIS B 212 11.71 -10.58 24.48
C HIS B 212 10.26 -10.75 24.91
N LYS B 213 9.34 -10.01 24.29
CA LYS B 213 7.96 -10.04 24.79
C LYS B 213 7.31 -11.41 24.72
N PRO B 214 7.45 -12.24 23.62
CA PRO B 214 6.79 -13.55 23.58
C PRO B 214 6.97 -14.44 24.81
N SER B 215 8.03 -14.25 25.59
CA SER B 215 8.23 -15.06 26.79
C SER B 215 8.28 -14.24 28.07
N ASN B 216 8.07 -12.92 27.99
CA ASN B 216 8.22 -12.00 29.12
C ASN B 216 9.62 -12.06 29.72
N THR B 217 10.63 -12.19 28.87
CA THR B 217 12.03 -12.21 29.28
C THR B 217 12.61 -10.81 29.17
N LYS B 218 13.25 -10.34 30.24
CA LYS B 218 13.82 -8.99 30.28
C LYS B 218 15.15 -9.07 31.01
N VAL B 219 16.23 -8.71 30.35
CA VAL B 219 17.58 -8.94 30.88
C VAL B 219 18.40 -7.67 30.75
N ASP B 220 19.12 -7.31 31.81
CA ASP B 220 19.96 -6.10 31.88
C ASP B 220 21.40 -6.56 32.16
N LYS B 221 22.14 -6.83 31.09
CA LYS B 221 23.45 -7.47 31.21
C LYS B 221 24.53 -6.41 31.30
N ARG B 222 25.26 -6.37 32.42
CA ARG B 222 26.43 -5.51 32.49
C ARG B 222 27.54 -6.17 31.69
N VAL B 223 28.23 -5.37 30.88
CA VAL B 223 29.34 -5.85 30.06
C VAL B 223 30.58 -5.17 30.58
N GLU B 224 31.51 -5.95 31.11
CA GLU B 224 32.69 -5.37 31.72
C GLU B 224 33.92 -6.02 31.14
N PRO B 225 35.05 -5.31 31.14
CA PRO B 225 36.30 -5.92 30.68
C PRO B 225 36.62 -7.16 31.49
N LYS B 226 37.04 -8.23 30.82
CA LYS B 226 37.28 -9.49 31.52
C LYS B 226 38.61 -9.42 32.26
N SER B 227 38.65 -10.03 33.45
CA SER B 227 39.85 -10.04 34.30
C SER B 227 40.82 -11.16 33.92
N ILE C 2 4.52 -15.15 -17.92
CA ILE C 2 5.21 -13.96 -18.41
C ILE C 2 6.34 -13.57 -17.49
N VAL C 3 7.56 -13.88 -17.88
CA VAL C 3 8.70 -13.59 -17.02
C VAL C 3 9.10 -12.13 -17.18
N LEU C 4 9.37 -11.49 -16.06
CA LEU C 4 9.94 -10.14 -16.05
C LEU C 4 11.37 -10.23 -15.53
N THR C 5 12.31 -9.63 -16.27
CA THR C 5 13.73 -9.71 -15.96
C THR C 5 14.25 -8.30 -15.70
N GLN C 6 14.58 -8.02 -14.44
CA GLN C 6 15.13 -6.72 -14.13
C GLN C 6 16.64 -6.70 -14.32
N SER C 7 17.16 -5.48 -14.47
CA SER C 7 18.56 -5.22 -14.79
C SER C 7 18.80 -3.74 -14.56
N PRO C 8 19.92 -3.35 -13.94
CA PRO C 8 21.01 -4.18 -13.43
C PRO C 8 20.56 -4.93 -12.18
N VAL C 9 21.33 -5.88 -11.66
CA VAL C 9 20.92 -6.57 -10.45
C VAL C 9 21.21 -5.73 -9.22
N SER C 10 22.37 -5.07 -9.20
CA SER C 10 22.65 -4.05 -8.21
C SER C 10 23.21 -2.83 -8.91
N LEU C 11 23.32 -1.76 -8.15
CA LEU C 11 23.69 -0.46 -8.69
C LEU C 11 24.23 0.34 -7.52
N SER C 12 25.37 0.99 -7.71
CA SER C 12 25.97 1.81 -6.67
C SER C 12 26.11 3.23 -7.18
N LEU C 13 25.46 4.19 -6.49
CA LEU C 13 25.41 5.59 -6.91
C LEU C 13 25.52 6.50 -5.68
N SER C 14 25.44 7.81 -5.92
CA SER C 14 25.58 8.79 -4.85
C SER C 14 24.35 9.66 -4.79
N PRO C 15 23.99 10.15 -3.59
CA PRO C 15 22.81 11.03 -3.48
C PRO C 15 22.93 12.23 -4.41
N GLY C 16 21.80 12.65 -4.97
CA GLY C 16 21.79 13.69 -5.97
C GLY C 16 22.09 13.22 -7.38
N GLU C 17 22.58 12.00 -7.55
CA GLU C 17 22.84 11.43 -8.87
C GLU C 17 21.59 10.71 -9.35
N ARG C 18 21.67 10.01 -10.47
CA ARG C 18 20.52 9.61 -11.27
C ARG C 18 20.57 8.13 -11.60
N ALA C 19 19.45 7.44 -11.41
CA ALA C 19 19.40 5.97 -11.44
C ALA C 19 18.37 5.50 -12.45
N THR C 20 18.70 4.46 -13.21
CA THR C 20 17.83 4.00 -14.28
C THR C 20 17.71 2.48 -14.26
N LEU C 21 16.51 1.99 -13.94
CA LEU C 21 16.22 0.57 -13.74
C LEU C 21 15.40 0.06 -14.90
N SER C 22 15.48 -1.24 -15.15
CA SER C 22 14.90 -1.80 -16.37
C SER C 22 14.09 -3.03 -16.05
N CYS C 23 13.03 -3.22 -16.83
CA CYS C 23 12.16 -4.38 -16.69
C CYS C 23 11.78 -4.81 -18.09
N ARG C 24 12.18 -6.02 -18.46
CA ARG C 24 11.95 -6.56 -19.79
C ARG C 24 11.10 -7.81 -19.64
N ALA C 25 10.08 -7.94 -20.48
CA ALA C 25 9.01 -8.92 -20.28
C ALA C 25 9.05 -9.98 -21.36
N SER C 26 8.96 -11.25 -20.95
CA SER C 26 9.01 -12.37 -21.88
C SER C 26 7.95 -12.23 -22.96
N GLN C 27 6.72 -11.95 -22.56
CA GLN C 27 5.63 -11.66 -23.46
C GLN C 27 5.34 -10.16 -23.38
N SER C 28 4.34 -9.69 -24.11
CA SER C 28 3.92 -8.30 -23.99
C SER C 28 2.90 -8.15 -22.86
N VAL C 29 2.82 -6.94 -22.31
CA VAL C 29 2.03 -6.66 -21.11
C VAL C 29 0.77 -5.90 -21.50
N SER C 30 -0.38 -6.50 -21.23
CA SER C 30 -1.65 -5.88 -21.56
C SER C 30 -1.83 -4.53 -20.86
N SER C 31 -2.45 -3.58 -21.56
CA SER C 31 -2.85 -2.28 -21.03
C SER C 31 -1.69 -1.50 -20.42
N ASN C 32 -0.45 -1.95 -20.62
CA ASN C 32 0.69 -1.41 -19.89
C ASN C 32 0.48 -1.49 -18.38
N TYR C 33 -0.25 -2.52 -17.93
CA TYR C 33 -0.49 -2.73 -16.50
C TYR C 33 0.80 -3.27 -15.88
N LEU C 34 1.72 -2.34 -15.61
CA LEU C 34 3.04 -2.68 -15.11
C LEU C 34 3.35 -1.76 -13.94
N ALA C 35 3.66 -2.35 -12.79
CA ALA C 35 3.87 -1.58 -11.58
C ALA C 35 5.28 -1.76 -11.04
N TRP C 36 5.77 -0.70 -10.40
CA TRP C 36 7.08 -0.64 -9.76
C TRP C 36 6.87 -0.43 -8.26
N TYR C 37 7.63 -1.17 -7.45
CA TYR C 37 7.56 -1.07 -6.00
C TYR C 37 8.94 -0.80 -5.42
N GLN C 38 8.96 -0.07 -4.30
CA GLN C 38 10.15 0.13 -3.49
C GLN C 38 10.05 -0.77 -2.25
N LEU C 39 11.05 -1.62 -2.06
CA LEU C 39 11.05 -2.58 -0.96
C LEU C 39 12.22 -2.29 -0.02
N LYS C 40 11.92 -1.70 1.12
CA LYS C 40 12.79 -1.37 2.21
C LYS C 40 12.66 -2.41 3.33
N PRO C 41 13.76 -2.70 4.02
CA PRO C 41 13.79 -3.86 4.92
C PRO C 41 12.80 -3.71 6.06
N GLY C 42 11.97 -4.74 6.25
CA GLY C 42 10.94 -4.70 7.27
C GLY C 42 9.71 -3.88 6.93
N ARG C 43 9.59 -3.34 5.72
CA ARG C 43 8.42 -2.55 5.36
C ARG C 43 7.64 -3.26 4.23
N ALA C 44 6.32 -3.06 4.20
CA ALA C 44 5.55 -3.62 3.10
C ALA C 44 5.95 -2.95 1.79
N PRO C 45 5.86 -3.67 0.67
CA PRO C 45 6.24 -3.05 -0.61
C PRO C 45 5.38 -1.84 -0.90
N ARG C 46 6.00 -0.73 -1.25
CA ARG C 46 5.26 0.49 -1.49
C ARG C 46 5.18 0.71 -3.00
N LEU C 47 3.97 0.98 -3.49
CA LEU C 47 3.74 1.16 -4.92
C LEU C 47 4.27 2.52 -5.35
N LEU C 48 5.08 2.55 -6.39
CA LEU C 48 5.61 3.80 -6.93
C LEU C 48 4.94 4.22 -8.21
N ILE C 49 4.62 3.25 -9.06
CA ILE C 49 4.20 3.48 -10.44
C ILE C 49 3.16 2.43 -10.78
N TYR C 50 2.01 2.87 -11.32
CA TYR C 50 1.01 1.97 -11.88
C TYR C 50 0.74 2.36 -13.32
N GLY C 51 0.29 1.39 -14.11
CA GLY C 51 0.07 1.66 -15.54
C GLY C 51 1.31 2.18 -16.21
N ALA C 52 2.47 1.61 -15.89
CA ALA C 52 3.76 1.94 -16.49
C ALA C 52 4.28 3.33 -16.14
N SER C 53 3.42 4.38 -16.18
CA SER C 53 3.90 5.75 -16.08
C SER C 53 3.20 6.62 -15.02
N SER C 54 2.28 6.09 -14.24
CA SER C 54 1.48 6.90 -13.35
C SER C 54 2.03 6.83 -11.93
N ARG C 55 2.47 7.96 -11.38
CA ARG C 55 2.90 8.01 -9.99
C ARG C 55 1.74 7.69 -9.04
N ALA C 56 2.03 6.94 -8.00
CA ALA C 56 1.05 6.65 -6.96
C ALA C 56 0.91 7.87 -6.05
N PRO C 57 -0.11 7.92 -5.20
CA PRO C 57 -0.29 9.11 -4.35
C PRO C 57 0.94 9.33 -3.47
N GLY C 58 1.39 10.58 -3.43
CA GLY C 58 2.52 10.96 -2.61
C GLY C 58 3.89 10.67 -3.20
N ILE C 59 3.98 9.81 -4.21
CA ILE C 59 5.30 9.41 -4.73
C ILE C 59 5.97 10.65 -5.30
N PRO C 60 7.17 11.01 -4.82
CA PRO C 60 7.77 12.29 -5.23
C PRO C 60 7.99 12.33 -6.73
N ASP C 61 8.17 13.56 -7.24
CA ASP C 61 8.30 13.74 -8.69
C ASP C 61 9.61 13.19 -9.24
N ARG C 62 10.56 12.84 -8.39
CA ARG C 62 11.85 12.36 -8.88
C ARG C 62 11.80 10.90 -9.38
N PHE C 63 10.68 10.20 -9.17
CA PHE C 63 10.44 8.86 -9.74
C PHE C 63 9.58 8.98 -10.99
N SER C 64 9.97 8.31 -12.07
CA SER C 64 9.09 8.23 -13.23
C SER C 64 9.30 6.91 -13.96
N GLY C 65 8.18 6.35 -14.45
CA GLY C 65 8.20 5.12 -15.21
C GLY C 65 7.93 5.41 -16.68
N SER C 66 8.18 4.39 -17.52
CA SER C 66 7.99 4.53 -18.96
C SER C 66 8.12 3.15 -19.60
N GLY C 67 7.67 3.07 -20.84
CA GLY C 67 7.78 1.85 -21.63
C GLY C 67 6.42 1.35 -22.10
N SER C 68 6.49 0.29 -22.91
CA SER C 68 5.33 -0.38 -23.49
C SER C 68 5.72 -1.76 -23.97
N GLY C 69 4.70 -2.63 -24.05
CA GLY C 69 4.88 -3.95 -24.62
C GLY C 69 5.77 -4.85 -23.79
N THR C 70 7.09 -4.77 -24.01
CA THR C 70 8.03 -5.63 -23.33
C THR C 70 9.15 -4.89 -22.61
N ASP C 71 9.45 -3.65 -22.95
CA ASP C 71 10.58 -2.94 -22.36
C ASP C 71 10.06 -1.77 -21.53
N PHE C 72 10.21 -1.85 -20.21
CA PHE C 72 9.78 -0.80 -19.30
C PHE C 72 10.96 -0.31 -18.48
N THR C 73 10.84 0.91 -17.97
CA THR C 73 11.94 1.59 -17.30
C THR C 73 11.42 2.41 -16.12
N LEU C 74 12.16 2.37 -15.02
CA LEU C 74 11.94 3.26 -13.89
C LEU C 74 13.19 4.11 -13.72
N THR C 75 13.01 5.43 -13.54
CA THR C 75 14.11 6.36 -13.45
C THR C 75 14.01 7.20 -12.19
N ILE C 76 15.13 7.38 -11.49
CA ILE C 76 15.17 8.24 -10.31
C ILE C 76 16.09 9.41 -10.61
N SER C 77 15.49 10.56 -10.95
CA SER C 77 16.12 11.84 -11.25
C SER C 77 17.31 12.17 -10.35
N ARG C 78 17.05 12.48 -9.08
CA ARG C 78 18.05 12.97 -8.14
C ARG C 78 17.91 12.14 -6.86
N LEU C 79 18.80 11.18 -6.65
CA LEU C 79 18.69 10.29 -5.50
C LEU C 79 18.80 11.05 -4.19
N GLU C 80 17.84 10.82 -3.31
CA GLU C 80 17.89 11.30 -1.93
C GLU C 80 18.28 10.16 -1.01
N PRO C 81 18.57 10.45 0.28
CA PRO C 81 18.89 9.38 1.23
C PRO C 81 17.83 8.27 1.31
N GLU C 82 16.55 8.63 1.36
CA GLU C 82 15.45 7.66 1.52
C GLU C 82 15.17 6.85 0.26
N ASP C 83 15.85 7.12 -0.85
CA ASP C 83 15.57 6.46 -2.12
C ASP C 83 16.40 5.21 -2.36
N PHE C 84 17.31 4.86 -1.45
CA PHE C 84 18.16 3.70 -1.62
C PHE C 84 17.47 2.48 -1.03
N ALA C 85 17.30 1.42 -1.85
CA ALA C 85 16.47 0.27 -1.49
C ALA C 85 16.47 -0.82 -2.55
N VAL C 86 15.49 -1.72 -2.51
CA VAL C 86 15.28 -2.71 -3.56
C VAL C 86 14.00 -2.36 -4.31
N TYR C 87 14.03 -2.47 -5.64
CA TYR C 87 12.92 -2.06 -6.49
C TYR C 87 12.44 -3.23 -7.36
N TYR C 88 11.14 -3.52 -7.32
CA TYR C 88 10.54 -4.65 -8.02
C TYR C 88 9.57 -4.18 -9.11
N CYS C 89 9.55 -4.88 -10.25
CA CYS C 89 8.53 -4.60 -11.26
C CYS C 89 7.49 -5.71 -11.21
N GLN C 90 6.28 -5.38 -11.68
CA GLN C 90 5.17 -6.31 -11.65
C GLN C 90 4.23 -6.01 -12.79
N GLN C 91 3.84 -7.04 -13.53
CA GLN C 91 2.78 -6.92 -14.50
C GLN C 91 1.49 -7.43 -13.89
N TYR C 92 0.40 -6.79 -14.21
CA TYR C 92 -0.91 -7.24 -13.75
C TYR C 92 -1.92 -7.12 -14.89
N GLY C 93 -1.46 -7.25 -16.12
CA GLY C 93 -2.35 -7.21 -17.27
C GLY C 93 -3.19 -8.46 -17.43
N ILE C 94 -2.82 -9.54 -16.76
CA ILE C 94 -3.61 -10.77 -16.72
C ILE C 94 -3.85 -11.10 -15.25
N SER C 95 -4.77 -12.04 -15.03
CA SER C 95 -5.05 -12.49 -13.66
C SER C 95 -3.83 -13.15 -13.02
N SER C 96 -2.91 -13.73 -13.81
CA SER C 96 -1.75 -14.43 -13.26
C SER C 96 -0.58 -13.47 -13.14
N TRP C 97 -0.41 -12.90 -11.96
CA TRP C 97 0.58 -11.86 -11.76
C TRP C 97 1.99 -12.44 -11.70
N THR C 98 2.93 -11.73 -12.30
CA THR C 98 4.33 -12.06 -12.18
C THR C 98 5.13 -10.84 -11.75
N PHE C 99 6.16 -11.09 -10.96
CA PHE C 99 7.04 -10.05 -10.44
C PHE C 99 8.44 -10.24 -11.01
N GLY C 100 9.21 -9.15 -11.05
CA GLY C 100 10.62 -9.26 -11.29
C GLY C 100 11.36 -9.63 -10.01
N GLN C 101 12.65 -9.95 -10.16
CA GLN C 101 13.37 -10.44 -9.01
C GLN C 101 14.10 -9.34 -8.25
N GLY C 102 14.10 -8.11 -8.75
CA GLY C 102 14.47 -6.95 -7.98
C GLY C 102 15.71 -6.25 -8.50
N THR C 103 16.01 -5.10 -7.89
CA THR C 103 17.23 -4.35 -8.18
C THR C 103 17.54 -3.51 -6.95
N LYS C 104 18.68 -3.76 -6.29
CA LYS C 104 19.09 -3.01 -5.11
C LYS C 104 19.86 -1.78 -5.56
N VAL C 105 19.60 -0.66 -4.91
CA VAL C 105 20.25 0.60 -5.19
C VAL C 105 20.93 1.01 -3.88
N GLU C 106 22.25 0.84 -3.84
CA GLU C 106 22.98 1.16 -2.64
C GLU C 106 23.86 2.38 -2.87
N ILE C 107 24.11 3.10 -1.79
CA ILE C 107 24.96 4.28 -1.82
C ILE C 107 26.40 3.86 -2.13
N LYS C 108 26.99 4.46 -3.16
CA LYS C 108 28.41 4.30 -3.44
C LYS C 108 29.22 5.26 -2.59
N ARG C 109 30.42 4.81 -2.22
CA ARG C 109 31.21 5.38 -1.14
C ARG C 109 32.67 5.03 -1.36
N THR C 110 33.57 5.86 -0.82
CA THR C 110 34.98 5.48 -0.80
C THR C 110 35.14 4.13 -0.10
N VAL C 111 36.14 3.36 -0.53
CA VAL C 111 36.43 2.07 0.07
C VAL C 111 36.83 2.28 1.52
N ALA C 112 36.28 1.46 2.41
CA ALA C 112 36.53 1.58 3.84
C ALA C 112 36.75 0.18 4.39
N ALA C 113 37.89 -0.01 5.01
CA ALA C 113 38.27 -1.32 5.49
C ALA C 113 37.61 -1.58 6.85
N PRO C 114 37.29 -2.84 7.16
CA PRO C 114 36.66 -3.12 8.45
C PRO C 114 37.65 -3.02 9.59
N SER C 115 37.17 -2.55 10.74
CA SER C 115 37.80 -2.87 12.00
C SER C 115 37.35 -4.26 12.45
N VAL C 116 38.31 -5.12 12.81
CA VAL C 116 38.01 -6.48 13.22
C VAL C 116 38.22 -6.62 14.71
N PHE C 117 37.26 -7.26 15.38
CA PHE C 117 37.40 -7.62 16.78
C PHE C 117 37.01 -9.08 16.97
N ILE C 118 37.69 -9.77 17.88
CA ILE C 118 37.29 -11.12 18.21
C ILE C 118 36.87 -11.14 19.67
N PHE C 119 35.87 -11.98 19.97
CA PHE C 119 35.32 -12.11 21.32
C PHE C 119 35.32 -13.57 21.71
N PRO C 120 36.04 -13.97 22.77
CA PRO C 120 35.98 -15.35 23.26
C PRO C 120 34.61 -15.64 23.87
N PRO C 121 34.22 -16.91 23.96
CA PRO C 121 33.00 -17.24 24.69
C PRO C 121 33.13 -16.79 26.15
N SER C 122 32.01 -16.39 26.73
CA SER C 122 32.05 -16.03 28.13
C SER C 122 32.11 -17.28 29.00
N ASP C 123 32.61 -17.11 30.22
CA ASP C 123 32.57 -18.21 31.17
C ASP C 123 31.14 -18.60 31.50
N GLU C 124 30.20 -17.65 31.45
CA GLU C 124 28.81 -17.97 31.77
C GLU C 124 28.25 -18.96 30.76
N GLN C 125 28.55 -18.75 29.48
CA GLN C 125 28.07 -19.70 28.48
C GLN C 125 28.81 -21.03 28.58
N LEU C 126 30.11 -21.01 28.89
CA LEU C 126 30.85 -22.27 28.96
C LEU C 126 30.27 -23.20 30.02
N LYS C 127 29.87 -22.64 31.17
CA LYS C 127 29.17 -23.43 32.17
C LYS C 127 28.03 -24.24 31.57
N SER C 128 27.33 -23.68 30.59
CA SER C 128 26.17 -24.35 30.02
C SER C 128 26.52 -25.38 28.96
N GLY C 129 27.79 -25.54 28.60
CA GLY C 129 28.18 -26.57 27.66
C GLY C 129 28.39 -26.16 26.22
N THR C 130 28.19 -24.89 25.88
CA THR C 130 28.47 -24.39 24.54
C THR C 130 29.46 -23.23 24.57
N ALA C 131 30.18 -23.07 23.48
CA ALA C 131 31.05 -21.91 23.24
C ALA C 131 30.65 -21.26 21.92
N SER C 132 30.34 -19.97 21.95
CA SER C 132 30.17 -19.16 20.75
C SER C 132 31.31 -18.16 20.69
N VAL C 133 32.05 -18.16 19.60
CA VAL C 133 33.08 -17.17 19.36
C VAL C 133 32.54 -16.20 18.33
N VAL C 134 32.56 -14.91 18.65
CA VAL C 134 32.02 -13.89 17.78
C VAL C 134 33.18 -13.10 17.20
N CYS C 135 33.17 -12.94 15.88
CA CYS C 135 34.07 -12.04 15.17
C CYS C 135 33.25 -10.90 14.58
N LEU C 136 33.67 -9.66 14.82
CA LEU C 136 32.96 -8.47 14.36
C LEU C 136 33.78 -7.76 13.30
N LEU C 137 33.16 -7.50 12.16
CA LEU C 137 33.73 -6.66 11.12
C LEU C 137 32.94 -5.37 11.11
N ASN C 138 33.56 -4.28 11.55
CA ASN C 138 32.85 -3.03 11.83
C ASN C 138 33.13 -1.94 10.78
N ASN C 139 32.05 -1.48 10.11
CA ASN C 139 31.97 -0.22 9.33
C ASN C 139 32.89 -0.24 8.10
N PHE C 140 32.52 -1.06 7.12
CA PHE C 140 33.35 -1.24 5.95
C PHE C 140 32.53 -1.06 4.67
N TYR C 141 33.26 -0.86 3.55
CA TYR C 141 32.64 -0.73 2.24
C TYR C 141 33.65 -1.10 1.17
N PRO C 142 33.26 -1.80 0.11
CA PRO C 142 31.92 -2.30 -0.23
C PRO C 142 31.55 -3.48 0.63
N ARG C 143 30.37 -4.07 0.42
CA ARG C 143 29.92 -5.02 1.43
C ARG C 143 30.48 -6.42 1.23
N GLU C 144 31.23 -6.66 0.16
CA GLU C 144 31.87 -7.96 -0.05
C GLU C 144 33.00 -8.14 0.96
N ALA C 145 32.88 -9.17 1.80
CA ALA C 145 33.86 -9.43 2.84
C ALA C 145 33.93 -10.93 3.05
N LYS C 146 35.13 -11.44 3.29
CA LYS C 146 35.32 -12.86 3.55
C LYS C 146 35.84 -13.05 4.96
N VAL C 147 35.17 -13.92 5.71
CA VAL C 147 35.53 -14.25 7.08
C VAL C 147 35.84 -15.74 7.12
N GLN C 148 37.03 -16.10 7.59
CA GLN C 148 37.42 -17.48 7.74
C GLN C 148 37.80 -17.73 9.20
N TRP C 149 37.22 -18.77 9.80
CA TRP C 149 37.58 -19.17 11.14
C TRP C 149 38.66 -20.24 11.09
N LYS C 150 39.73 -20.04 11.86
CA LYS C 150 40.80 -21.01 11.97
C LYS C 150 40.93 -21.42 13.43
N VAL C 151 40.95 -22.73 13.68
CA VAL C 151 41.08 -23.30 15.01
C VAL C 151 42.31 -24.18 15.02
N ASP C 152 43.34 -23.79 15.77
CA ASP C 152 44.69 -24.38 15.68
C ASP C 152 45.16 -24.44 14.23
N ASN C 153 44.95 -23.33 13.51
CA ASN C 153 45.29 -23.14 12.11
C ASN C 153 44.49 -24.00 11.14
N ALA C 154 43.43 -24.66 11.58
CA ALA C 154 42.57 -25.46 10.69
C ALA C 154 41.37 -24.63 10.24
N LEU C 155 41.34 -24.29 8.95
CA LEU C 155 40.19 -23.59 8.38
C LEU C 155 38.90 -24.35 8.64
N GLN C 156 37.97 -23.71 9.35
CA GLN C 156 36.70 -24.32 9.71
C GLN C 156 35.66 -24.16 8.60
N SER C 157 34.62 -24.99 8.66
CA SER C 157 33.45 -24.80 7.81
C SER C 157 32.27 -25.52 8.44
N GLY C 158 31.06 -25.03 8.10
CA GLY C 158 29.82 -25.64 8.54
C GLY C 158 29.43 -25.40 9.99
N ASN C 159 30.17 -24.57 10.73
CA ASN C 159 29.92 -24.40 12.15
C ASN C 159 29.85 -22.93 12.54
N SER C 160 29.65 -22.06 11.56
CA SER C 160 29.54 -20.63 11.81
C SER C 160 28.39 -20.07 10.98
N GLN C 161 27.72 -19.07 11.53
CA GLN C 161 26.70 -18.31 10.82
C GLN C 161 27.10 -16.85 10.85
N GLU C 162 26.70 -16.08 9.85
CA GLU C 162 27.04 -14.65 9.83
C GLU C 162 25.82 -13.80 9.49
N SER C 163 25.87 -12.53 9.87
CA SER C 163 24.77 -11.67 9.50
C SER C 163 25.29 -10.25 9.35
N VAL C 164 24.64 -9.49 8.47
CA VAL C 164 25.11 -8.18 8.03
C VAL C 164 24.03 -7.16 8.30
N THR C 165 24.43 -5.96 8.68
CA THR C 165 23.50 -4.87 8.86
C THR C 165 23.13 -4.26 7.52
N GLU C 166 22.01 -3.52 7.52
CA GLU C 166 21.68 -2.66 6.40
C GLU C 166 22.73 -1.59 6.25
N GLN C 167 22.79 -0.99 5.08
CA GLN C 167 23.69 0.13 4.89
C GLN C 167 23.37 1.23 5.92
N ASP C 168 24.42 1.83 6.47
CA ASP C 168 24.24 2.78 7.56
C ASP C 168 23.78 4.14 7.04
N SER C 169 22.81 4.73 7.71
CA SER C 169 22.22 5.97 7.22
C SER C 169 23.16 7.17 7.31
N LYS C 170 24.19 7.12 8.17
CA LYS C 170 25.11 8.23 8.40
C LYS C 170 26.41 8.12 7.60
N ASP C 171 27.03 6.95 7.56
CA ASP C 171 28.26 6.78 6.80
C ASP C 171 28.17 5.77 5.66
N SER C 172 27.01 5.18 5.40
CA SER C 172 26.83 4.29 4.25
C SER C 172 27.70 3.04 4.31
N THR C 173 28.18 2.64 5.49
CA THR C 173 28.99 1.45 5.59
C THR C 173 28.12 0.26 5.98
N TYR C 174 28.73 -0.91 5.88
CA TYR C 174 28.17 -2.16 6.34
C TYR C 174 28.96 -2.65 7.55
N SER C 175 28.31 -3.46 8.36
CA SER C 175 28.98 -4.14 9.46
C SER C 175 28.50 -5.59 9.48
N LEU C 176 29.40 -6.48 9.93
CA LEU C 176 29.16 -7.91 9.81
C LEU C 176 29.58 -8.63 11.08
N SER C 177 28.82 -9.66 11.44
CA SER C 177 29.04 -10.42 12.65
C SER C 177 29.12 -11.91 12.29
N SER C 178 30.20 -12.60 12.66
CA SER C 178 30.30 -14.03 12.43
C SER C 178 30.42 -14.78 13.75
N THR C 179 29.58 -15.79 13.94
CA THR C 179 29.54 -16.59 15.16
C THR C 179 29.91 -18.02 14.83
N LEU C 180 30.97 -18.51 15.48
CA LEU C 180 31.39 -19.91 15.43
C LEU C 180 30.92 -20.58 16.72
N THR C 181 30.15 -21.66 16.58
CA THR C 181 29.56 -22.33 17.74
C THR C 181 30.15 -23.73 17.85
N LEU C 182 30.80 -24.02 18.97
CA LEU C 182 31.30 -25.35 19.28
C LEU C 182 30.70 -25.84 20.60
N SER C 183 30.89 -27.13 20.88
CA SER C 183 30.57 -27.65 22.19
C SER C 183 31.74 -27.35 23.13
N LYS C 184 31.44 -27.26 24.42
CA LYS C 184 32.50 -26.94 25.37
C LYS C 184 33.65 -27.93 25.25
N ALA C 185 33.34 -29.19 24.95
CA ALA C 185 34.38 -30.21 24.87
C ALA C 185 35.31 -29.97 23.68
N ASP C 186 34.75 -29.71 22.49
CA ASP C 186 35.62 -29.41 21.37
C ASP C 186 36.39 -28.13 21.62
N TYR C 187 35.69 -27.09 22.09
CA TYR C 187 36.35 -25.84 22.41
C TYR C 187 37.55 -26.05 23.34
N GLU C 188 37.49 -27.04 24.21
CA GLU C 188 38.62 -27.24 25.10
C GLU C 188 39.72 -28.09 24.50
N LYS C 189 39.48 -28.69 23.33
CA LYS C 189 40.53 -29.47 22.68
C LYS C 189 41.58 -28.60 22.01
N HIS C 190 41.24 -27.37 21.60
CA HIS C 190 42.15 -26.56 20.81
C HIS C 190 42.50 -25.30 21.55
N LYS C 191 43.51 -24.58 21.05
CA LYS C 191 44.05 -23.43 21.75
C LYS C 191 43.91 -22.11 21.00
N VAL C 192 44.28 -22.06 19.73
CA VAL C 192 44.30 -20.81 18.99
C VAL C 192 43.02 -20.65 18.18
N TYR C 193 42.24 -19.62 18.49
CA TYR C 193 41.00 -19.33 17.79
C TYR C 193 41.21 -18.06 16.98
N ALA C 194 41.15 -18.17 15.66
CA ALA C 194 41.47 -17.05 14.81
C ALA C 194 40.32 -16.67 13.90
N CYS C 195 40.18 -15.39 13.68
CA CYS C 195 39.27 -14.83 12.71
C CYS C 195 40.14 -14.17 11.65
N GLU C 196 39.97 -14.57 10.38
CA GLU C 196 40.76 -14.00 9.29
C GLU C 196 39.83 -13.35 8.27
N VAL C 197 40.02 -12.05 8.05
CA VAL C 197 39.12 -11.19 7.29
C VAL C 197 39.80 -10.80 5.99
N THR C 198 39.13 -11.02 4.86
CA THR C 198 39.60 -10.49 3.58
C THR C 198 38.63 -9.41 3.11
N HIS C 199 39.19 -8.25 2.76
CA HIS C 199 38.36 -7.15 2.28
C HIS C 199 39.16 -6.24 1.37
N GLN C 200 38.43 -5.51 0.52
CA GLN C 200 39.07 -4.71 -0.53
C GLN C 200 39.97 -3.63 0.05
N GLY C 201 39.51 -2.93 1.08
CA GLY C 201 40.37 -1.91 1.67
C GLY C 201 41.51 -2.43 2.52
N LEU C 202 41.79 -3.73 2.48
CA LEU C 202 42.89 -4.31 3.24
C LEU C 202 43.92 -4.83 2.26
N SER C 203 45.17 -4.36 2.39
CA SER C 203 46.20 -4.80 1.46
C SER C 203 46.48 -6.30 1.59
N SER C 204 46.28 -6.88 2.77
CA SER C 204 46.41 -8.32 2.95
C SER C 204 45.44 -8.75 4.02
N PRO C 205 45.02 -10.03 4.02
CA PRO C 205 44.12 -10.52 5.07
C PRO C 205 44.58 -10.11 6.46
N VAL C 206 43.61 -9.77 7.30
CA VAL C 206 43.85 -9.32 8.67
C VAL C 206 43.36 -10.42 9.61
N THR C 207 44.16 -10.75 10.61
CA THR C 207 43.79 -11.82 11.52
C THR C 207 43.68 -11.27 12.93
N LYS C 208 42.62 -11.64 13.63
CA LYS C 208 42.53 -11.42 15.06
C LYS C 208 42.43 -12.78 15.71
N SER C 209 43.02 -12.93 16.89
CA SER C 209 42.97 -14.25 17.50
C SER C 209 43.21 -14.15 18.98
N PHE C 210 42.96 -15.26 19.67
CA PHE C 210 43.28 -15.36 21.08
C PHE C 210 43.60 -16.81 21.38
N ASN C 211 44.35 -17.03 22.46
CA ASN C 211 44.61 -18.37 22.96
C ASN C 211 43.67 -18.63 24.14
N ARG C 212 42.88 -19.70 24.05
CA ARG C 212 41.89 -20.04 25.08
C ARG C 212 42.54 -20.08 26.46
N GLY C 213 41.91 -19.40 27.42
CA GLY C 213 42.36 -19.42 28.79
C GLY C 213 43.44 -18.42 29.17
N GLU C 214 43.83 -17.53 28.26
CA GLU C 214 44.81 -16.49 28.57
C GLU C 214 44.17 -15.11 28.58
C1 NAG D . -4.93 12.41 -9.72
C2 NAG D . -3.68 12.67 -10.54
C3 NAG D . -2.46 12.84 -9.66
C4 NAG D . -2.71 13.86 -8.57
C5 NAG D . -3.97 13.50 -7.79
C6 NAG D . -4.30 14.53 -6.71
C7 NAG D . -3.53 11.63 -12.70
C8 NAG D . -3.30 10.36 -13.48
N2 NAG D . -3.44 11.53 -11.38
O3 NAG D . -1.39 13.36 -10.45
O4 NAG D . -1.58 13.86 -7.70
O5 NAG D . -5.03 13.44 -8.72
O6 NAG D . -4.31 15.85 -7.26
O7 NAG D . -3.77 12.71 -13.24
C1 NAG D . -1.09 15.21 -7.63
C2 NAG D . -0.16 15.34 -6.42
C3 NAG D . 0.27 16.79 -6.29
C4 NAG D . 0.99 17.17 -7.58
C5 NAG D . 0.07 16.95 -8.77
C6 NAG D . 0.85 17.21 -10.04
C7 NAG D . -0.45 13.58 -4.76
C8 NAG D . -0.57 13.40 -3.28
N2 NAG D . -0.76 14.80 -5.22
O3 NAG D . 1.10 16.94 -5.14
O4 NAG D . 1.35 18.54 -7.55
O5 NAG D . -0.37 15.59 -8.82
O6 NAG D . 2.06 16.45 -9.94
O7 NAG D . -0.09 12.67 -5.48
C1 BMA D . 2.74 18.65 -7.19
C2 BMA D . 3.27 19.87 -7.92
C3 BMA D . 4.76 20.05 -7.60
C4 BMA D . 5.04 20.03 -6.08
C5 BMA D . 4.31 18.85 -5.36
C6 BMA D . 4.35 18.95 -3.81
O2 BMA D . 2.58 21.06 -7.44
O3 BMA D . 5.25 21.25 -8.20
O4 BMA D . 6.45 19.94 -5.85
O5 BMA D . 2.92 18.79 -5.79
O6 BMA D . 5.70 19.24 -3.40
C1 MAN D . 5.86 20.03 -2.17
C2 MAN D . 4.47 20.55 -1.48
C3 MAN D . 3.83 21.85 -2.09
C4 MAN D . 4.88 22.89 -2.59
C5 MAN D . 6.13 22.23 -3.29
C6 MAN D . 7.20 23.24 -3.70
O2 MAN D . 4.67 20.83 -0.07
O3 MAN D . 2.85 22.48 -1.22
O4 MAN D . 4.23 23.88 -3.50
O5 MAN D . 6.74 21.16 -2.44
O6 MAN D . 8.36 22.48 -4.12
C1 NAG E . -19.19 0.92 3.70
C2 NAG E . -17.75 0.53 4.05
C3 NAG E . -17.44 0.78 5.51
C4 NAG E . -17.87 2.16 5.97
C5 NAG E . -19.32 2.43 5.54
C6 NAG E . -19.80 3.84 5.87
C7 NAG E . -16.79 -1.31 2.84
C8 NAG E . -17.01 -2.73 2.44
N2 NAG E . -17.57 -0.89 3.83
O3 NAG E . -16.01 0.72 5.63
O4 NAG E . -17.74 2.18 7.40
O5 NAG E . -19.45 2.27 4.13
O6 NAG E . -18.92 4.73 5.16
O7 NAG E . -15.97 -0.57 2.31
C1 NAG E . -16.93 3.31 7.79
C2 NAG E . -17.20 3.72 9.25
C3 NAG E . -16.35 4.96 9.58
C4 NAG E . -14.86 4.66 9.33
C5 NAG E . -14.69 4.14 7.88
C6 NAG E . -13.25 3.71 7.57
C7 NAG E . -19.58 3.13 9.63
C8 NAG E . -20.98 3.65 9.36
N2 NAG E . -18.61 4.04 9.46
O3 NAG E . -16.60 5.38 10.93
O4 NAG E . -14.06 5.86 9.53
O5 NAG E . -15.54 3.01 7.66
O6 NAG E . -12.93 2.45 8.20
O7 NAG E . -19.36 1.97 9.97
C1 NAG F . -23.77 30.06 -21.65
C2 NAG F . -23.77 31.37 -22.41
C3 NAG F . -22.38 31.94 -22.37
C4 NAG F . -21.97 32.12 -20.92
C5 NAG F . -22.08 30.79 -20.16
C6 NAG F . -21.72 30.85 -18.67
C7 NAG F . -25.58 31.56 -23.96
C8 NAG F . -26.41 30.70 -24.88
N2 NAG F . -24.32 31.16 -23.75
O3 NAG F . -22.28 33.19 -23.04
O4 NAG F . -20.63 32.58 -20.98
O5 NAG F . -23.40 30.28 -20.28
O6 NAG F . -21.15 29.61 -18.21
O7 NAG F . -26.05 32.56 -23.41
C1 NAG F . -20.54 33.72 -20.10
C2 NAG F . -19.07 33.95 -19.70
C3 NAG F . -19.01 35.14 -18.75
C4 NAG F . -19.74 36.35 -19.35
C5 NAG F . -21.15 36.00 -19.82
C6 NAG F . -21.83 37.20 -20.52
C7 NAG F . -18.14 31.61 -19.70
C8 NAG F . -17.80 30.43 -18.84
N2 NAG F . -18.48 32.76 -19.06
O3 NAG F . -17.64 35.46 -18.47
O4 NAG F . -19.83 37.38 -18.35
O5 NAG F . -21.09 34.89 -20.72
O6 NAG F . -23.15 36.88 -20.97
O7 NAG F . -18.08 31.52 -20.91
C1 NAG G . -15.43 17.92 -7.22
C2 NAG G . -14.23 18.88 -7.16
C3 NAG G . -13.79 19.14 -5.75
C4 NAG G . -14.93 19.67 -4.92
C5 NAG G . -16.09 18.69 -5.02
C6 NAG G . -17.30 19.21 -4.24
C7 NAG G . -12.62 18.73 -8.94
C8 NAG G . -11.72 17.80 -9.68
N2 NAG G . -13.07 18.29 -7.79
O3 NAG G . -12.75 20.13 -5.78
O4 NAG G . -14.46 19.69 -3.57
O5 NAG G . -16.45 18.50 -6.39
O6 NAG G . -17.63 20.52 -4.69
O7 NAG G . -12.93 19.83 -9.35
C1 NAG G . -14.23 21.01 -3.09
C2 NAG G . -14.08 20.93 -1.57
C3 NAG G . -13.85 22.33 -1.00
C4 NAG G . -12.63 22.97 -1.66
C5 NAG G . -12.80 22.91 -3.18
C6 NAG G . -11.55 23.43 -3.91
C7 NAG G . -15.32 18.98 -0.79
C8 NAG G . -16.65 18.49 -0.33
N2 NAG G . -15.23 20.30 -0.95
O3 NAG G . -13.68 22.16 0.41
O4 NAG G . -12.54 24.35 -1.27
O5 NAG G . -13.05 21.57 -3.63
O6 NAG G . -10.55 22.40 -4.01
O7 NAG G . -14.39 18.22 -1.00
C1 BMA G . -11.49 24.56 -0.29
C2 BMA G . -11.01 26.02 -0.38
C3 BMA G . -9.91 26.25 0.67
C4 BMA G . -10.36 25.85 2.09
C5 BMA G . -10.95 24.41 2.11
C6 BMA G . -11.60 24.04 3.47
O2 BMA G . -12.07 26.98 -0.12
O3 BMA G . -9.47 27.60 0.66
O4 BMA G . -9.25 25.93 3.00
O5 BMA G . -11.94 24.27 1.06
O6 BMA G . -12.62 25.01 3.78
C1 MAN G . -9.09 27.99 -0.68
C2 MAN G . -7.60 28.42 -0.62
C3 MAN G . -7.49 29.65 0.31
C4 MAN G . -8.47 30.76 -0.18
C5 MAN G . -9.94 30.21 -0.32
C6 MAN G . -10.92 31.23 -0.90
O2 MAN G . -7.11 28.80 -1.92
O3 MAN G . -6.12 30.18 0.48
O4 MAN G . -8.42 31.90 0.69
O5 MAN G . -9.96 29.01 -1.16
O6 MAN G . -12.22 30.65 -0.76
C1 NAG H . -31.37 -1.46 -0.16
C2 NAG H . -30.69 -0.88 1.09
C3 NAG H . -29.61 -1.81 1.65
C4 NAG H . -30.23 -3.17 1.93
C5 NAG H . -30.87 -3.69 0.63
C6 NAG H . -31.50 -5.07 0.79
C7 NAG H . -30.88 1.57 1.15
C8 NAG H . -30.17 2.88 1.03
N2 NAG H . -30.17 0.48 0.85
O3 NAG H . -29.01 -1.25 2.84
O4 NAG H . -29.28 -4.11 2.51
O5 NAG H . -31.87 -2.77 0.16
O6 NAG H . -32.21 -5.36 -0.44
O7 NAG H . -32.06 1.50 1.52
#